data_6ZYS
#
_entry.id   6ZYS
#
_cell.length_a   48.7824
_cell.length_b   77.9686
_cell.length_c   261.906
_cell.angle_alpha   90.0
_cell.angle_beta   90.0
_cell.angle_gamma   90.0
#
_symmetry.space_group_name_H-M   'P 21 21 21'
#
loop_
_entity.id
_entity.type
_entity.pdbx_description
1 polymer 'Beta-lactamase IMP-1'
2 non-polymer 'ZINC ION'
3 non-polymer '(2~{S},4~{S})-2-ethoxycarbonyl-5,5-dimethyl-2-(sulfanylmethyl)-1,3-thiazolidine-4-carboxylic acid'
4 non-polymer 1,2-ETHANEDIOL
5 water water
#
_entity_poly.entity_id   1
_entity_poly.type   'polypeptide(L)'
_entity_poly.pdbx_seq_one_letter_code
;GPAESLPDLKIEKLDEGVYVHTSFEEVNGWGVVPKHGLVVLVNAEAYLIDTPFTAKDTEKLVTWFVERGYKIKGSISSHF
HSDSTGGIEWLNSRSIPTYASELTNELLKKDGKVQATNSFSGVNYWLVKNKIEVFYPGPGHTPDNVVVWLPERKILFGGC
FIKPYGLGNLGDANIEAWPKSAKLLKSKYGKAKLVVPSHSEVGDASLLKLTLEQAVKGLNESKKPSKPSN
;
_entity_poly.pdbx_strand_id   A,B,C,D
#
loop_
_chem_comp.id
_chem_comp.type
_chem_comp.name
_chem_comp.formula
EDO non-polymer 1,2-ETHANEDIOL 'C2 H6 O2'
QST non-polymer '(2~{S},4~{S})-2-ethoxycarbonyl-5,5-dimethyl-2-(sulfanylmethyl)-1,3-thiazolidine-4-carboxylic acid' 'C10 H17 N O4 S2'
ZN non-polymer 'ZINC ION' 'Zn 2'
#
# COMPACT_ATOMS: atom_id res chain seq x y z
N SER A 5 19.82 10.54 4.85
CA SER A 5 18.45 10.82 4.35
C SER A 5 18.15 10.02 3.10
N LEU A 6 16.88 9.71 2.91
CA LEU A 6 16.41 9.00 1.72
C LEU A 6 16.46 9.89 0.49
N PRO A 7 16.70 9.31 -0.67
CA PRO A 7 16.58 10.14 -1.88
C PRO A 7 15.20 10.76 -2.08
N ASP A 8 15.16 11.89 -2.77
CA ASP A 8 13.92 12.58 -3.07
C ASP A 8 13.10 11.85 -4.14
N LEU A 9 11.80 12.10 -4.15
CA LEU A 9 10.92 11.71 -5.26
C LEU A 9 11.51 12.17 -6.60
N LYS A 10 11.54 11.25 -7.57
CA LYS A 10 11.92 11.57 -8.94
C LYS A 10 10.74 11.38 -9.88
N ILE A 11 10.68 12.20 -10.90
CA ILE A 11 9.70 12.07 -11.95
C ILE A 11 10.43 12.22 -13.28
N GLU A 12 10.26 11.23 -14.15
CA GLU A 12 11.02 11.16 -15.42
C GLU A 12 10.11 10.74 -16.53
N LYS A 13 10.22 11.39 -17.68
CA LYS A 13 9.41 11.03 -18.82
C LYS A 13 9.90 9.72 -19.41
N LEU A 14 8.97 8.82 -19.67
CA LEU A 14 9.25 7.52 -20.27
C LEU A 14 8.82 7.48 -21.74
N ASP A 15 7.69 8.09 -22.09
CA ASP A 15 7.17 8.04 -23.45
C ASP A 15 6.16 9.19 -23.52
N GLU A 16 5.59 9.46 -24.70
CA GLU A 16 4.49 10.45 -24.77
C GLU A 16 3.35 10.09 -23.81
N GLY A 17 2.98 11.04 -22.95
CA GLY A 17 1.91 10.85 -21.99
C GLY A 17 2.23 9.88 -20.86
N VAL A 18 3.49 9.46 -20.72
CA VAL A 18 3.85 8.48 -19.70
C VAL A 18 5.10 8.85 -18.89
N TYR A 19 4.93 9.01 -17.58
CA TYR A 19 6.01 9.36 -16.66
C TYR A 19 6.23 8.23 -15.65
N VAL A 20 7.50 7.97 -15.32
CA VAL A 20 7.83 7.13 -14.18
C VAL A 20 8.11 7.98 -12.92
N HIS A 21 7.39 7.69 -11.84
CA HIS A 21 7.74 8.23 -10.54
C HIS A 21 8.47 7.19 -9.67
N THR A 22 9.55 7.64 -9.02
CA THR A 22 10.30 6.79 -8.16
C THR A 22 10.36 7.40 -6.79
N SER A 23 9.95 6.63 -5.79
CA SER A 23 10.06 7.07 -4.41
C SER A 23 10.94 6.04 -3.67
N PHE A 24 11.38 6.38 -2.46
CA PHE A 24 12.36 5.59 -1.74
C PHE A 24 11.97 5.42 -0.27
N GLU A 25 12.21 4.24 0.28
CA GLU A 25 11.88 4.00 1.68
C GLU A 25 12.92 3.04 2.27
N GLU A 26 13.19 3.19 3.56
CA GLU A 26 14.02 2.25 4.28
C GLU A 26 13.12 1.11 4.75
N VAL A 27 13.42 -0.11 4.33
CA VAL A 27 12.63 -1.27 4.69
C VAL A 27 13.51 -2.30 5.43
N ASN A 28 13.12 -2.68 6.64
CA ASN A 28 13.99 -3.51 7.51
C ASN A 28 14.48 -4.72 6.76
N GLY A 29 15.79 -4.92 6.75
CA GLY A 29 16.38 -6.08 6.10
C GLY A 29 16.68 -5.89 4.63
N TRP A 30 16.27 -4.76 4.06
CA TRP A 30 16.56 -4.49 2.65
C TRP A 30 17.32 -3.21 2.47
N GLY A 31 17.35 -2.37 3.51
CA GLY A 31 17.85 -1.01 3.39
C GLY A 31 16.97 -0.11 2.51
N VAL A 32 17.59 0.67 1.63
CA VAL A 32 16.86 1.65 0.82
C VAL A 32 16.28 0.96 -0.41
N VAL A 33 14.96 1.00 -0.54
CA VAL A 33 14.24 0.34 -1.62
C VAL A 33 13.62 1.41 -2.54
N PRO A 34 14.00 1.40 -3.82
CA PRO A 34 13.28 2.22 -4.75
C PRO A 34 11.91 1.61 -5.12
N LYS A 35 10.96 2.48 -5.44
CA LYS A 35 9.66 2.02 -5.96
C LYS A 35 9.27 2.87 -7.11
N HIS A 36 9.10 2.23 -8.30
CA HIS A 36 8.60 2.87 -9.51
C HIS A 36 7.09 2.70 -9.63
N GLY A 37 6.42 3.79 -9.99
CA GLY A 37 5.05 3.76 -10.50
C GLY A 37 4.98 4.62 -11.74
N LEU A 38 3.80 4.78 -12.30
CA LEU A 38 3.63 5.67 -13.43
C LEU A 38 2.66 6.82 -13.16
N VAL A 39 2.77 7.87 -13.95
CA VAL A 39 1.67 8.78 -14.18
C VAL A 39 1.37 8.75 -15.67
N VAL A 40 0.10 8.54 -16.01
CA VAL A 40 -0.29 8.43 -17.40
C VAL A 40 -1.21 9.62 -17.73
N LEU A 41 -0.94 10.33 -18.82
CA LEU A 41 -1.76 11.49 -19.18
C LEU A 41 -2.68 11.15 -20.31
N VAL A 42 -3.96 11.50 -20.17
CA VAL A 42 -4.94 11.32 -21.22
C VAL A 42 -5.61 12.67 -21.38
N ASN A 43 -5.25 13.32 -22.48
CA ASN A 43 -5.60 14.71 -22.75
C ASN A 43 -5.00 15.56 -21.63
N ALA A 44 -5.84 16.19 -20.86
CA ALA A 44 -5.35 17.07 -19.83
C ALA A 44 -5.62 16.48 -18.46
N GLU A 45 -5.82 15.16 -18.41
CA GLU A 45 -6.08 14.46 -17.14
C GLU A 45 -4.96 13.44 -16.83
N ALA A 46 -4.60 13.34 -15.56
CA ALA A 46 -3.55 12.44 -15.09
C ALA A 46 -4.11 11.30 -14.24
N TYR A 47 -3.54 10.12 -14.46
CA TYR A 47 -3.83 8.92 -13.66
C TYR A 47 -2.56 8.40 -13.01
N LEU A 48 -2.60 8.20 -11.69
CA LEU A 48 -1.49 7.59 -10.95
C LEU A 48 -1.60 6.10 -10.97
N ILE A 49 -0.56 5.45 -11.45
CA ILE A 49 -0.45 4.00 -11.45
C ILE A 49 0.49 3.67 -10.32
N ASP A 50 -0.10 3.25 -9.21
CA ASP A 50 0.51 3.09 -7.87
C ASP A 50 0.81 4.44 -7.24
N THR A 51 0.58 4.53 -5.94
CA THR A 51 1.00 5.72 -5.20
C THR A 51 2.46 5.52 -4.79
N PRO A 52 3.19 6.63 -4.54
CA PRO A 52 4.41 6.47 -3.78
C PRO A 52 4.19 5.81 -2.37
N PHE A 53 5.31 5.45 -1.73
CA PHE A 53 5.31 4.82 -0.41
C PHE A 53 4.50 5.66 0.60
N THR A 54 4.64 6.99 0.56
CA THR A 54 4.09 7.86 1.58
C THR A 54 3.09 8.91 1.08
N ALA A 55 2.35 9.47 2.04
CA ALA A 55 1.48 10.62 1.78
C ALA A 55 2.31 11.81 1.30
N LYS A 56 3.44 12.07 1.96
CA LYS A 56 4.31 13.17 1.55
C LYS A 56 4.65 13.14 0.05
N ASP A 57 5.13 11.99 -0.42
CA ASP A 57 5.56 11.92 -1.82
C ASP A 57 4.35 11.85 -2.77
N THR A 58 3.24 11.36 -2.27
CA THR A 58 2.02 11.37 -3.05
C THR A 58 1.59 12.83 -3.25
N GLU A 59 1.67 13.63 -2.21
CA GLU A 59 1.31 15.06 -2.34
C GLU A 59 2.28 15.77 -3.32
N LYS A 60 3.56 15.51 -3.17
CA LYS A 60 4.56 16.11 -4.05
C LYS A 60 4.29 15.75 -5.51
N LEU A 61 3.95 14.50 -5.75
CA LEU A 61 3.67 14.01 -7.12
C LEU A 61 2.46 14.67 -7.74
N VAL A 62 1.39 14.76 -6.95
CA VAL A 62 0.13 15.38 -7.39
C VAL A 62 0.39 16.86 -7.70
N THR A 63 1.06 17.56 -6.79
N THR A 63 1.09 17.54 -6.78
CA THR A 63 1.28 18.98 -6.95
CA THR A 63 1.37 18.97 -6.88
C THR A 63 2.12 19.28 -8.18
C THR A 63 2.13 19.25 -8.18
N TRP A 64 3.09 18.41 -8.48
CA TRP A 64 3.91 18.59 -9.66
C TRP A 64 3.08 18.62 -10.93
N PHE A 65 2.14 17.69 -11.07
CA PHE A 65 1.31 17.60 -12.25
C PHE A 65 0.25 18.68 -12.31
N VAL A 66 -0.35 19.00 -11.16
CA VAL A 66 -1.38 20.04 -11.10
C VAL A 66 -0.77 21.41 -11.46
N GLU A 67 0.42 21.70 -10.95
CA GLU A 67 1.08 22.96 -11.26
C GLU A 67 1.45 23.04 -12.75
N ARG A 68 1.50 21.90 -13.41
CA ARG A 68 1.64 21.86 -14.87
C ARG A 68 0.33 21.72 -15.64
N GLY A 69 -0.79 21.94 -14.95
CA GLY A 69 -2.12 22.03 -15.57
C GLY A 69 -2.75 20.70 -15.90
N TYR A 70 -2.38 19.63 -15.19
CA TYR A 70 -3.07 18.35 -15.33
C TYR A 70 -3.95 18.08 -14.14
N LYS A 71 -5.21 17.74 -14.39
CA LYS A 71 -6.15 17.38 -13.34
C LYS A 71 -5.98 15.90 -12.96
N ILE A 72 -5.84 15.62 -11.68
CA ILE A 72 -5.65 14.23 -11.25
C ILE A 72 -7.02 13.54 -11.22
N LYS A 73 -7.25 12.65 -12.16
CA LYS A 73 -8.55 12.01 -12.26
C LYS A 73 -8.69 10.77 -11.38
N GLY A 74 -7.59 10.12 -11.05
CA GLY A 74 -7.67 8.93 -10.17
C GLY A 74 -6.33 8.24 -10.00
N SER A 75 -6.24 7.34 -9.01
CA SER A 75 -5.12 6.41 -8.86
C SER A 75 -5.65 5.00 -8.93
N ILE A 76 -4.78 4.07 -9.35
CA ILE A 76 -5.04 2.67 -9.21
C ILE A 76 -3.86 2.00 -8.53
N SER A 77 -4.13 1.09 -7.60
CA SER A 77 -3.07 0.42 -6.88
C SER A 77 -2.98 -1.01 -7.32
N SER A 78 -1.76 -1.45 -7.66
CA SER A 78 -1.54 -2.76 -8.31
C SER A 78 -1.53 -3.92 -7.28
N HIS A 79 -1.33 -3.65 -6.00
CA HIS A 79 -1.51 -4.64 -4.96
C HIS A 79 -1.55 -3.98 -3.59
N PHE A 80 -1.83 -4.75 -2.55
CA PHE A 80 -2.18 -4.14 -1.25
C PHE A 80 -1.01 -3.59 -0.44
N HIS A 81 0.20 -4.00 -0.75
CA HIS A 81 1.34 -3.54 0.04
C HIS A 81 1.47 -2.02 -0.05
N SER A 82 2.07 -1.42 0.99
CA SER A 82 2.07 0.02 1.13
C SER A 82 2.96 0.76 0.13
N ASP A 83 3.80 0.03 -0.61
CA ASP A 83 4.52 0.68 -1.70
C ASP A 83 3.66 0.96 -2.94
N SER A 84 2.45 0.40 -2.99
CA SER A 84 1.50 0.70 -4.04
C SER A 84 0.31 1.51 -3.49
N THR A 85 0.06 1.46 -2.19
CA THR A 85 -1.17 1.98 -1.58
C THR A 85 -0.92 3.05 -0.50
N GLY A 86 0.32 3.37 -0.21
CA GLY A 86 0.58 4.28 0.91
C GLY A 86 -0.04 5.64 0.82
N GLY A 87 -0.28 6.10 -0.38
CA GLY A 87 -0.91 7.41 -0.62
C GLY A 87 -2.41 7.45 -0.70
N ILE A 88 -3.08 6.30 -0.57
CA ILE A 88 -4.54 6.24 -0.81
C ILE A 88 -5.27 7.14 0.18
N GLU A 89 -4.91 7.03 1.45
CA GLU A 89 -5.59 7.86 2.46
C GLU A 89 -5.50 9.37 2.13
N TRP A 90 -4.31 9.84 1.73
CA TRP A 90 -4.18 11.24 1.41
C TRP A 90 -4.97 11.62 0.16
N LEU A 91 -4.91 10.77 -0.88
CA LEU A 91 -5.77 11.01 -2.07
C LEU A 91 -7.26 11.07 -1.71
N ASN A 92 -7.73 10.16 -0.86
CA ASN A 92 -9.14 10.15 -0.44
C ASN A 92 -9.53 11.45 0.31
N SER A 93 -8.64 11.93 1.19
CA SER A 93 -8.83 13.23 1.86
C SER A 93 -8.93 14.38 0.87
N ARG A 94 -8.38 14.25 -0.30
CA ARG A 94 -8.49 15.30 -1.30
C ARG A 94 -9.58 15.03 -2.33
N SER A 95 -10.43 14.04 -2.08
CA SER A 95 -11.49 13.63 -3.01
C SER A 95 -10.98 13.29 -4.41
N ILE A 96 -9.78 12.76 -4.51
CA ILE A 96 -9.31 12.18 -5.76
C ILE A 96 -9.67 10.67 -5.75
N PRO A 97 -10.43 10.20 -6.78
CA PRO A 97 -10.87 8.80 -6.79
C PRO A 97 -9.69 7.83 -6.71
N THR A 98 -9.77 6.83 -5.85
CA THR A 98 -8.78 5.78 -5.77
C THR A 98 -9.41 4.44 -6.12
N TYR A 99 -8.65 3.59 -6.81
CA TYR A 99 -9.15 2.32 -7.33
C TYR A 99 -8.20 1.20 -6.89
N ALA A 100 -8.78 0.07 -6.55
CA ALA A 100 -8.07 -1.15 -6.34
C ALA A 100 -8.99 -2.29 -6.66
N SER A 101 -8.42 -3.49 -6.82
CA SER A 101 -9.29 -4.67 -6.95
C SER A 101 -10.09 -4.96 -5.68
N GLU A 102 -11.18 -5.68 -5.84
CA GLU A 102 -11.95 -6.13 -4.73
C GLU A 102 -11.07 -6.92 -3.72
N LEU A 103 -10.23 -7.79 -4.22
CA LEU A 103 -9.33 -8.56 -3.34
C LEU A 103 -8.30 -7.65 -2.66
N THR A 104 -7.73 -6.68 -3.39
CA THR A 104 -6.79 -5.74 -2.79
C THR A 104 -7.47 -4.98 -1.67
N ASN A 105 -8.69 -4.49 -1.89
CA ASN A 105 -9.40 -3.75 -0.83
C ASN A 105 -9.73 -4.67 0.35
N GLU A 106 -10.04 -5.93 0.08
CA GLU A 106 -10.29 -6.88 1.16
C GLU A 106 -9.01 -7.13 2.04
N LEU A 107 -7.86 -7.19 1.40
CA LEU A 107 -6.60 -7.37 2.10
C LEU A 107 -6.19 -6.10 2.86
N LEU A 108 -6.45 -4.92 2.28
CA LEU A 108 -6.25 -3.69 3.03
C LEU A 108 -7.09 -3.67 4.29
N LYS A 109 -8.39 -3.95 4.13
CA LYS A 109 -9.32 -3.96 5.25
C LYS A 109 -8.88 -4.93 6.32
N LYS A 110 -8.44 -6.10 5.89
CA LYS A 110 -7.97 -7.13 6.83
C LYS A 110 -6.75 -6.69 7.67
N ASP A 111 -5.86 -5.93 7.04
CA ASP A 111 -4.70 -5.37 7.70
C ASP A 111 -4.98 -4.04 8.42
N GLY A 112 -6.22 -3.59 8.46
CA GLY A 112 -6.57 -2.37 9.19
C GLY A 112 -6.09 -1.08 8.49
N LYS A 113 -6.03 -1.13 7.16
CA LYS A 113 -5.50 0.01 6.36
C LYS A 113 -6.66 0.66 5.62
N VAL A 114 -6.46 1.90 5.21
CA VAL A 114 -7.46 2.58 4.41
C VAL A 114 -7.67 1.91 3.04
N GLN A 115 -8.94 1.78 2.64
CA GLN A 115 -9.24 1.19 1.30
C GLN A 115 -9.42 2.26 0.21
N ALA A 116 -9.29 1.84 -1.03
CA ALA A 116 -9.62 2.65 -2.17
C ALA A 116 -11.10 2.88 -2.20
N THR A 117 -11.51 4.01 -2.73
CA THR A 117 -12.92 4.35 -2.78
C THR A 117 -13.71 3.60 -3.87
N ASN A 118 -13.03 3.04 -4.84
CA ASN A 118 -13.62 2.34 -5.94
C ASN A 118 -12.96 0.99 -6.07
N SER A 119 -13.75 -0.05 -6.34
CA SER A 119 -13.20 -1.37 -6.55
C SER A 119 -13.71 -2.00 -7.85
N PHE A 120 -12.89 -2.90 -8.37
CA PHE A 120 -13.26 -3.66 -9.57
C PHE A 120 -12.97 -5.12 -9.31
N SER A 121 -13.69 -5.96 -10.01
CA SER A 121 -13.59 -7.41 -9.83
C SER A 121 -13.57 -8.06 -11.22
N GLY A 122 -12.67 -8.96 -11.47
CA GLY A 122 -12.67 -9.68 -12.74
C GLY A 122 -11.25 -9.76 -13.26
N VAL A 123 -11.06 -10.46 -14.34
CA VAL A 123 -9.74 -10.66 -14.91
C VAL A 123 -9.20 -9.41 -15.61
N ASN A 124 -10.09 -8.70 -16.30
CA ASN A 124 -9.76 -7.52 -17.08
C ASN A 124 -10.63 -6.36 -16.55
N TYR A 125 -10.10 -5.15 -16.54
CA TYR A 125 -10.91 -3.97 -16.23
C TYR A 125 -10.33 -2.79 -16.96
N TRP A 126 -11.16 -1.99 -17.65
CA TRP A 126 -10.69 -0.73 -18.21
C TRP A 126 -10.80 0.40 -17.16
N LEU A 127 -9.66 0.89 -16.70
CA LEU A 127 -9.68 2.11 -15.91
C LEU A 127 -10.10 3.30 -16.78
N VAL A 128 -9.52 3.38 -17.97
CA VAL A 128 -9.91 4.37 -18.99
C VAL A 128 -10.02 3.60 -20.33
N LYS A 129 -11.21 3.51 -20.84
CA LYS A 129 -11.48 2.64 -21.99
C LYS A 129 -10.53 2.97 -23.16
N ASN A 130 -9.94 1.92 -23.75
CA ASN A 130 -8.91 2.02 -24.79
C ASN A 130 -7.59 2.70 -24.47
N LYS A 131 -7.35 3.03 -23.20
CA LYS A 131 -6.13 3.75 -22.82
C LYS A 131 -5.40 3.11 -21.67
N ILE A 132 -6.13 2.70 -20.62
CA ILE A 132 -5.50 2.13 -19.42
C ILE A 132 -6.26 0.88 -18.96
N GLU A 133 -5.65 -0.28 -19.20
CA GLU A 133 -6.25 -1.56 -18.91
C GLU A 133 -5.60 -2.20 -17.69
N VAL A 134 -6.38 -2.92 -16.89
CA VAL A 134 -5.88 -3.67 -15.76
C VAL A 134 -6.11 -5.14 -16.04
N PHE A 135 -5.14 -5.97 -15.68
CA PHE A 135 -5.23 -7.41 -15.92
C PHE A 135 -4.72 -8.14 -14.69
N TYR A 136 -5.47 -9.16 -14.31
CA TYR A 136 -5.06 -10.08 -13.24
C TYR A 136 -4.43 -11.38 -13.80
N PRO A 137 -3.13 -11.60 -13.57
CA PRO A 137 -2.53 -12.81 -14.11
C PRO A 137 -2.68 -14.04 -13.22
N GLY A 138 -3.22 -13.87 -12.02
CA GLY A 138 -3.13 -14.91 -11.00
C GLY A 138 -2.14 -14.55 -9.89
N PRO A 139 -2.22 -15.28 -8.77
CA PRO A 139 -1.33 -15.08 -7.63
C PRO A 139 0.13 -15.19 -7.99
N GLY A 140 0.94 -14.37 -7.33
CA GLY A 140 2.40 -14.46 -7.48
C GLY A 140 3.11 -13.89 -6.29
N HIS A 141 3.61 -12.68 -6.47
CA HIS A 141 4.14 -11.90 -5.39
C HIS A 141 3.16 -11.74 -4.23
N THR A 142 1.91 -11.43 -4.57
CA THR A 142 0.81 -11.48 -3.59
C THR A 142 -0.39 -12.12 -4.26
N PRO A 143 -1.44 -12.48 -3.48
CA PRO A 143 -2.64 -13.12 -4.09
C PRO A 143 -3.37 -12.17 -5.05
N ASP A 144 -3.22 -10.86 -4.85
CA ASP A 144 -4.05 -9.85 -5.50
C ASP A 144 -3.35 -9.09 -6.62
N ASN A 145 -2.08 -9.38 -6.90
CA ASN A 145 -1.31 -8.49 -7.76
C ASN A 145 -1.91 -8.41 -9.17
N VAL A 146 -2.06 -7.17 -9.66
CA VAL A 146 -2.51 -6.92 -11.03
C VAL A 146 -1.45 -6.11 -11.76
N VAL A 147 -1.57 -6.09 -13.08
CA VAL A 147 -0.69 -5.29 -13.93
C VAL A 147 -1.52 -4.28 -14.70
N VAL A 148 -0.87 -3.25 -15.26
CA VAL A 148 -1.56 -2.22 -15.99
C VAL A 148 -0.92 -2.07 -17.37
N TRP A 149 -1.76 -2.10 -18.40
CA TRP A 149 -1.34 -2.10 -19.81
C TRP A 149 -1.82 -0.81 -20.47
N LEU A 150 -0.94 -0.17 -21.21
CA LEU A 150 -1.25 1.04 -21.97
C LEU A 150 -1.20 0.67 -23.46
N PRO A 151 -2.34 0.30 -24.05
CA PRO A 151 -2.31 -0.23 -25.41
C PRO A 151 -1.74 0.73 -26.48
N GLU A 152 -1.92 2.03 -26.32
CA GLU A 152 -1.44 2.97 -27.33
C GLU A 152 0.08 3.07 -27.37
N ARG A 153 0.74 2.75 -26.27
CA ARG A 153 2.18 2.90 -26.19
C ARG A 153 2.86 1.56 -26.12
N LYS A 154 2.07 0.51 -25.91
CA LYS A 154 2.59 -0.82 -25.69
C LYS A 154 3.55 -0.89 -24.49
N ILE A 155 3.09 -0.29 -23.38
CA ILE A 155 3.85 -0.26 -22.13
C ILE A 155 3.06 -1.03 -21.07
N LEU A 156 3.73 -1.96 -20.42
CA LEU A 156 3.16 -2.73 -19.31
C LEU A 156 3.81 -2.35 -18.01
N PHE A 157 2.99 -1.90 -17.06
CA PHE A 157 3.44 -1.76 -15.68
C PHE A 157 3.22 -3.08 -14.98
N GLY A 158 4.29 -3.74 -14.60
CA GLY A 158 4.20 -5.08 -14.00
C GLY A 158 4.20 -5.08 -12.49
N GLY A 159 4.58 -3.94 -11.93
CA GLY A 159 4.57 -3.77 -10.49
C GLY A 159 5.48 -4.75 -9.80
N CYS A 160 5.05 -5.21 -8.64
CA CYS A 160 5.92 -6.04 -7.81
C CYS A 160 5.93 -7.52 -8.21
N PHE A 161 5.11 -7.84 -9.19
CA PHE A 161 5.05 -9.14 -9.81
C PHE A 161 6.28 -9.42 -10.67
N ILE A 162 6.84 -8.39 -11.30
CA ILE A 162 7.97 -8.54 -12.23
C ILE A 162 9.27 -8.49 -11.42
N LYS A 163 10.01 -9.60 -11.47
CA LYS A 163 11.13 -9.89 -10.58
C LYS A 163 12.24 -10.64 -11.36
N PRO A 164 12.97 -9.90 -12.20
CA PRO A 164 13.87 -10.51 -13.19
C PRO A 164 15.09 -11.19 -12.59
N TYR A 165 15.48 -10.77 -11.39
CA TYR A 165 16.75 -11.21 -10.81
C TYR A 165 16.59 -11.94 -9.49
N GLY A 166 15.36 -12.24 -9.08
CA GLY A 166 15.09 -12.89 -7.79
C GLY A 166 13.79 -12.35 -7.21
N LEU A 167 13.06 -13.18 -6.49
CA LEU A 167 11.64 -12.96 -6.21
C LEU A 167 11.38 -12.01 -5.03
N GLY A 168 12.38 -11.82 -4.17
CA GLY A 168 12.25 -10.92 -3.02
C GLY A 168 11.54 -11.55 -1.85
N ASN A 169 10.91 -10.73 -1.04
CA ASN A 169 10.17 -11.21 0.12
C ASN A 169 9.02 -12.10 -0.34
N LEU A 170 9.02 -13.34 0.14
CA LEU A 170 7.98 -14.31 -0.18
C LEU A 170 6.89 -14.41 0.90
N GLY A 171 6.90 -13.49 1.87
CA GLY A 171 5.96 -13.53 2.97
C GLY A 171 4.50 -13.71 2.59
N ASP A 172 4.06 -12.99 1.56
CA ASP A 172 2.66 -13.03 1.12
C ASP A 172 2.56 -13.68 -0.27
N ALA A 173 3.63 -14.33 -0.72
CA ALA A 173 3.66 -14.85 -2.07
C ALA A 173 3.01 -16.21 -2.13
N ASN A 174 2.59 -16.57 -3.34
CA ASN A 174 2.13 -17.89 -3.66
C ASN A 174 3.08 -18.49 -4.69
N ILE A 175 4.09 -19.15 -4.18
CA ILE A 175 5.19 -19.62 -5.00
C ILE A 175 4.77 -20.79 -5.93
N GLU A 176 3.72 -21.51 -5.55
CA GLU A 176 3.21 -22.58 -6.41
C GLU A 176 2.49 -22.07 -7.66
N ALA A 177 1.87 -20.90 -7.54
CA ALA A 177 1.03 -20.36 -8.62
C ALA A 177 1.79 -19.36 -9.52
N TRP A 178 2.87 -18.79 -8.98
CA TRP A 178 3.63 -17.76 -9.68
C TRP A 178 4.14 -18.18 -11.08
N PRO A 179 4.60 -19.43 -11.27
CA PRO A 179 5.01 -19.73 -12.65
C PRO A 179 3.85 -19.72 -13.66
N LYS A 180 2.72 -20.27 -13.24
CA LYS A 180 1.52 -20.29 -14.08
C LYS A 180 1.05 -18.88 -14.38
N SER A 181 0.99 -18.06 -13.32
CA SER A 181 0.63 -16.65 -13.46
C SER A 181 1.61 -15.94 -14.39
N ALA A 182 2.92 -16.19 -14.24
CA ALA A 182 3.91 -15.51 -15.05
C ALA A 182 3.83 -15.96 -16.49
N LYS A 183 3.48 -17.23 -16.72
CA LYS A 183 3.33 -17.72 -18.09
C LYS A 183 2.14 -17.07 -18.78
N LEU A 184 1.03 -16.94 -18.05
CA LEU A 184 -0.14 -16.21 -18.60
C LEU A 184 0.22 -14.76 -18.96
N LEU A 185 0.99 -14.10 -18.10
CA LEU A 185 1.36 -12.73 -18.34
C LEU A 185 2.23 -12.63 -19.57
N LYS A 186 3.21 -13.53 -19.68
CA LYS A 186 4.09 -13.59 -20.84
C LYS A 186 3.30 -13.75 -22.12
N SER A 187 2.30 -14.62 -22.08
CA SER A 187 1.54 -14.93 -23.27
C SER A 187 0.71 -13.75 -23.69
N LYS A 188 0.17 -13.03 -22.72
CA LYS A 188 -0.66 -11.88 -23.05
C LYS A 188 0.12 -10.65 -23.56
N TYR A 189 1.27 -10.35 -22.99
CA TYR A 189 2.01 -9.13 -23.27
C TYR A 189 3.40 -9.35 -23.84
N GLY A 190 3.62 -10.50 -24.48
CA GLY A 190 4.91 -10.81 -25.09
C GLY A 190 5.35 -9.77 -26.10
N LYS A 191 4.41 -9.01 -26.64
CA LYS A 191 4.69 -7.97 -27.62
C LYS A 191 4.87 -6.56 -27.03
N ALA A 192 4.97 -6.46 -25.71
CA ALA A 192 5.21 -5.18 -25.07
C ALA A 192 6.54 -4.56 -25.53
N LYS A 193 6.49 -3.26 -25.80
CA LYS A 193 7.68 -2.47 -26.09
C LYS A 193 8.47 -2.24 -24.81
N LEU A 194 7.80 -1.82 -23.73
CA LEU A 194 8.45 -1.64 -22.43
C LEU A 194 7.71 -2.32 -21.30
N VAL A 195 8.48 -2.84 -20.34
CA VAL A 195 7.97 -3.44 -19.13
C VAL A 195 8.59 -2.75 -17.92
N VAL A 196 7.73 -2.21 -17.06
CA VAL A 196 8.13 -1.43 -15.91
C VAL A 196 7.89 -2.23 -14.63
N PRO A 197 8.98 -2.69 -13.96
CA PRO A 197 8.88 -3.32 -12.66
C PRO A 197 8.77 -2.25 -11.57
N SER A 198 8.35 -2.66 -10.39
CA SER A 198 8.35 -1.77 -9.23
C SER A 198 9.74 -1.49 -8.73
N HIS A 199 10.59 -2.52 -8.72
CA HIS A 199 11.81 -2.45 -7.92
C HIS A 199 13.12 -2.62 -8.72
N SER A 200 13.04 -2.67 -10.05
CA SER A 200 14.25 -2.68 -10.89
C SER A 200 14.01 -1.87 -12.15
N GLU A 201 15.01 -1.76 -13.02
CA GLU A 201 14.91 -0.81 -14.10
C GLU A 201 13.92 -1.26 -15.17
N VAL A 202 13.44 -0.28 -15.92
CA VAL A 202 12.57 -0.51 -17.07
C VAL A 202 13.34 -1.36 -18.07
N GLY A 203 12.68 -2.37 -18.65
CA GLY A 203 13.24 -3.15 -19.76
C GLY A 203 12.25 -3.40 -20.90
N ASP A 204 12.54 -4.42 -21.70
CA ASP A 204 11.61 -4.88 -22.75
C ASP A 204 10.89 -6.15 -22.31
N ALA A 205 10.24 -6.83 -23.26
CA ALA A 205 9.43 -7.99 -22.94
C ALA A 205 10.24 -9.15 -22.35
N SER A 206 11.57 -9.14 -22.51
CA SER A 206 12.37 -10.17 -21.85
C SER A 206 12.15 -10.26 -20.34
N LEU A 207 11.76 -9.14 -19.71
CA LEU A 207 11.52 -9.13 -18.28
C LEU A 207 10.40 -10.08 -17.90
N LEU A 208 9.51 -10.35 -18.85
CA LEU A 208 8.45 -11.33 -18.66
C LEU A 208 9.05 -12.71 -18.65
N LYS A 209 9.96 -12.97 -19.59
CA LYS A 209 10.67 -14.25 -19.65
C LYS A 209 11.50 -14.46 -18.39
N LEU A 210 12.30 -13.45 -18.00
CA LEU A 210 13.15 -13.59 -16.81
C LEU A 210 12.31 -13.78 -15.53
N THR A 211 11.17 -13.11 -15.44
CA THR A 211 10.29 -13.33 -14.30
C THR A 211 9.80 -14.79 -14.22
N LEU A 212 9.33 -15.31 -15.36
CA LEU A 212 8.89 -16.71 -15.44
C LEU A 212 10.01 -17.66 -15.02
N GLU A 213 11.21 -17.42 -15.52
CA GLU A 213 12.37 -18.22 -15.11
C GLU A 213 12.59 -18.16 -13.62
N GLN A 214 12.52 -16.96 -13.03
CA GLN A 214 12.80 -16.83 -11.60
C GLN A 214 11.71 -17.48 -10.77
N ALA A 215 10.46 -17.45 -11.25
CA ALA A 215 9.37 -18.10 -10.51
C ALA A 215 9.51 -19.62 -10.50
N VAL A 216 9.79 -20.17 -11.67
CA VAL A 216 10.01 -21.62 -11.87
C VAL A 216 11.16 -22.14 -11.00
N LYS A 217 12.18 -21.29 -10.81
CA LYS A 217 13.32 -21.60 -9.95
C LYS A 217 12.94 -21.56 -8.48
N GLY A 218 12.33 -20.48 -8.04
CA GLY A 218 11.88 -20.38 -6.67
C GLY A 218 11.02 -21.56 -6.24
N LEU A 219 10.12 -22.00 -7.12
CA LEU A 219 9.27 -23.11 -6.77
C LEU A 219 10.10 -24.38 -6.61
N ASN A 220 11.12 -24.54 -7.46
CA ASN A 220 12.01 -25.69 -7.39
C ASN A 220 12.84 -25.65 -6.12
N GLU A 221 13.46 -24.49 -5.88
CA GLU A 221 14.22 -24.23 -4.65
C GLU A 221 13.43 -24.62 -3.40
N SER A 222 12.13 -24.39 -3.39
CA SER A 222 11.36 -24.54 -2.17
C SER A 222 11.10 -26.00 -1.78
N LYS A 223 11.83 -26.95 -2.38
CA LYS A 223 11.60 -28.37 -2.09
C LYS A 223 12.84 -29.11 -1.58
N ALA B 3 -54.38 16.85 -12.04
CA ALA B 3 -55.29 15.91 -11.28
C ALA B 3 -54.51 14.68 -10.77
N GLU B 4 -53.60 14.20 -11.62
CA GLU B 4 -52.76 13.01 -11.37
C GLU B 4 -51.55 13.34 -10.46
N SER B 5 -51.25 12.47 -9.51
CA SER B 5 -50.02 12.60 -8.73
C SER B 5 -49.42 11.22 -8.56
N LEU B 6 -48.10 11.16 -8.36
CA LEU B 6 -47.42 9.87 -8.30
C LEU B 6 -47.68 9.14 -6.98
N PRO B 7 -48.05 7.88 -7.08
CA PRO B 7 -48.17 7.06 -5.89
C PRO B 7 -46.87 7.02 -5.07
N ASP B 8 -47.04 6.79 -3.77
CA ASP B 8 -45.94 6.66 -2.83
C ASP B 8 -45.23 5.34 -3.02
N LEU B 9 -43.95 5.33 -2.64
CA LEU B 9 -43.15 4.11 -2.55
C LEU B 9 -43.88 3.04 -1.72
N LYS B 10 -43.90 1.82 -2.23
CA LYS B 10 -44.45 0.67 -1.48
C LYS B 10 -43.34 -0.28 -1.11
N ILE B 11 -43.44 -0.84 0.09
CA ILE B 11 -42.54 -1.87 0.54
C ILE B 11 -43.37 -3.05 1.05
N GLU B 12 -43.20 -4.24 0.46
CA GLU B 12 -43.99 -5.42 0.87
C GLU B 12 -43.12 -6.64 0.98
N LYS B 13 -43.40 -7.47 1.99
CA LYS B 13 -42.67 -8.69 2.20
C LYS B 13 -43.03 -9.72 1.11
N LEU B 14 -42.03 -10.37 0.54
CA LEU B 14 -42.25 -11.35 -0.50
C LEU B 14 -41.96 -12.76 0.02
N ASP B 15 -40.97 -12.88 0.88
CA ASP B 15 -40.51 -14.16 1.43
C ASP B 15 -39.67 -13.81 2.67
N GLU B 16 -39.17 -14.82 3.37
CA GLU B 16 -38.32 -14.57 4.53
C GLU B 16 -37.09 -13.79 4.09
N GLY B 17 -36.88 -12.61 4.66
CA GLY B 17 -35.73 -11.81 4.36
C GLY B 17 -35.72 -11.16 2.97
N VAL B 18 -36.85 -11.17 2.29
CA VAL B 18 -36.96 -10.54 0.96
C VAL B 18 -38.22 -9.66 0.89
N TYR B 19 -38.00 -8.42 0.42
CA TYR B 19 -39.04 -7.42 0.29
C TYR B 19 -39.00 -6.88 -1.14
N VAL B 20 -40.18 -6.52 -1.65
CA VAL B 20 -40.29 -5.84 -2.94
C VAL B 20 -40.57 -4.38 -2.66
N HIS B 21 -39.75 -3.50 -3.24
CA HIS B 21 -40.01 -2.06 -3.20
C HIS B 21 -40.53 -1.67 -4.55
N THR B 22 -41.60 -0.84 -4.56
CA THR B 22 -42.17 -0.37 -5.82
C THR B 22 -42.24 1.11 -5.80
N SER B 23 -41.65 1.72 -6.81
CA SER B 23 -41.66 3.16 -6.98
C SER B 23 -42.33 3.44 -8.32
N PHE B 24 -42.72 4.69 -8.54
CA PHE B 24 -43.59 5.05 -9.67
C PHE B 24 -43.10 6.29 -10.37
N GLU B 25 -43.19 6.31 -11.69
CA GLU B 25 -42.80 7.48 -12.48
C GLU B 25 -43.71 7.60 -13.70
N GLU B 26 -43.99 8.81 -14.13
CA GLU B 26 -44.72 8.99 -15.43
C GLU B 26 -43.71 8.99 -16.57
N VAL B 27 -43.94 8.12 -17.54
CA VAL B 27 -43.01 7.94 -18.65
C VAL B 27 -43.80 8.22 -19.93
N ASN B 28 -43.32 9.18 -20.71
CA ASN B 28 -43.94 9.52 -21.98
C ASN B 28 -44.38 8.35 -22.82
N GLY B 29 -45.65 8.35 -23.18
CA GLY B 29 -46.23 7.30 -23.98
C GLY B 29 -46.65 6.03 -23.26
N TRP B 30 -46.29 5.90 -21.98
CA TRP B 30 -46.56 4.65 -21.25
C TRP B 30 -47.52 4.81 -20.09
N GLY B 31 -47.71 6.06 -19.66
CA GLY B 31 -48.43 6.34 -18.43
C GLY B 31 -47.58 6.18 -17.19
N VAL B 32 -48.25 5.97 -16.06
CA VAL B 32 -47.54 5.70 -14.82
C VAL B 32 -46.97 4.31 -14.89
N VAL B 33 -45.67 4.22 -14.68
CA VAL B 33 -44.96 2.99 -14.76
C VAL B 33 -44.47 2.61 -13.36
N PRO B 34 -44.89 1.43 -12.88
CA PRO B 34 -44.34 0.88 -11.66
C PRO B 34 -42.95 0.33 -11.90
N LYS B 35 -42.12 0.38 -10.87
CA LYS B 35 -40.79 -0.25 -10.92
C LYS B 35 -40.58 -1.03 -9.63
N HIS B 36 -40.44 -2.36 -9.76
CA HIS B 36 -40.13 -3.23 -8.65
C HIS B 36 -38.60 -3.43 -8.56
N GLY B 37 -38.11 -3.36 -7.34
CA GLY B 37 -36.79 -3.93 -6.98
C GLY B 37 -36.96 -4.72 -5.71
N LEU B 38 -35.87 -5.17 -5.14
CA LEU B 38 -35.90 -5.94 -3.89
C LEU B 38 -35.06 -5.27 -2.80
N VAL B 39 -35.37 -5.64 -1.57
CA VAL B 39 -34.46 -5.48 -0.45
C VAL B 39 -34.28 -6.87 0.12
N VAL B 40 -33.03 -7.30 0.23
CA VAL B 40 -32.72 -8.63 0.76
C VAL B 40 -31.98 -8.47 2.07
N LEU B 41 -32.43 -9.14 3.12
CA LEU B 41 -31.75 -9.04 4.40
C LEU B 41 -30.82 -10.22 4.61
N VAL B 42 -29.58 -9.91 4.98
CA VAL B 42 -28.55 -10.90 5.31
C VAL B 42 -27.98 -10.53 6.67
N ASN B 43 -28.22 -11.37 7.66
CA ASN B 43 -27.83 -11.06 9.05
C ASN B 43 -28.39 -9.70 9.47
N ALA B 44 -29.66 -9.46 9.11
CA ALA B 44 -30.37 -8.28 9.55
C ALA B 44 -29.61 -7.00 9.13
N GLU B 45 -29.00 -7.07 7.94
CA GLU B 45 -28.57 -5.90 7.20
C GLU B 45 -29.13 -6.00 5.77
N ALA B 46 -29.38 -4.85 5.17
CA ALA B 46 -30.12 -4.73 3.90
C ALA B 46 -29.22 -4.53 2.68
N TYR B 47 -29.58 -5.24 1.62
CA TYR B 47 -29.01 -5.08 0.31
C TYR B 47 -30.12 -4.65 -0.61
N LEU B 48 -29.89 -3.58 -1.35
CA LEU B 48 -30.92 -3.10 -2.29
C LEU B 48 -30.62 -3.72 -3.65
N ILE B 49 -31.63 -4.34 -4.26
CA ILE B 49 -31.53 -4.88 -5.60
C ILE B 49 -32.33 -3.95 -6.51
N ASP B 50 -31.58 -3.09 -7.16
CA ASP B 50 -32.04 -1.87 -7.87
C ASP B 50 -32.45 -0.76 -6.91
N THR B 51 -32.17 0.49 -7.32
CA THR B 51 -32.65 1.63 -6.58
C THR B 51 -33.98 2.02 -7.20
N PRO B 52 -34.79 2.74 -6.44
CA PRO B 52 -35.94 3.40 -7.04
C PRO B 52 -35.52 4.44 -8.09
N PHE B 53 -36.51 4.99 -8.83
CA PHE B 53 -36.26 5.99 -9.85
C PHE B 53 -35.47 7.20 -9.34
N THR B 54 -35.78 7.67 -8.14
CA THR B 54 -35.32 8.99 -7.67
C THR B 54 -34.53 8.82 -6.37
N ALA B 55 -33.81 9.87 -6.05
CA ALA B 55 -33.16 10.03 -4.75
C ALA B 55 -34.18 10.12 -3.60
N LYS B 56 -35.32 10.73 -3.86
CA LYS B 56 -36.37 10.86 -2.81
C LYS B 56 -36.84 9.49 -2.35
N ASP B 57 -37.15 8.61 -3.31
CA ASP B 57 -37.65 7.30 -2.94
C ASP B 57 -36.54 6.38 -2.50
N THR B 58 -35.30 6.64 -2.96
CA THR B 58 -34.16 5.91 -2.41
C THR B 58 -33.94 6.25 -0.95
N GLU B 59 -34.00 7.53 -0.64
CA GLU B 59 -33.93 7.95 0.74
C GLU B 59 -35.09 7.40 1.61
N LYS B 60 -36.31 7.39 1.09
CA LYS B 60 -37.44 6.85 1.83
C LYS B 60 -37.26 5.35 2.11
N LEU B 61 -36.79 4.61 1.10
CA LEU B 61 -36.51 3.22 1.22
C LEU B 61 -35.43 2.88 2.25
N VAL B 62 -34.33 3.62 2.21
CA VAL B 62 -33.24 3.37 3.11
C VAL B 62 -33.63 3.78 4.53
N THR B 63 -34.35 4.88 4.69
CA THR B 63 -34.78 5.37 6.00
C THR B 63 -35.72 4.38 6.66
N TRP B 64 -36.65 3.81 5.90
CA TRP B 64 -37.60 2.81 6.43
C TRP B 64 -36.83 1.60 7.08
N PHE B 65 -35.81 1.09 6.41
CA PHE B 65 -35.01 0.00 6.97
C PHE B 65 -34.09 0.48 8.11
N VAL B 66 -33.40 1.60 7.93
CA VAL B 66 -32.47 2.08 8.94
C VAL B 66 -33.16 2.42 10.26
N GLU B 67 -34.30 3.09 10.18
CA GLU B 67 -35.03 3.44 11.40
C GLU B 67 -35.57 2.21 12.11
N ARG B 68 -35.64 1.08 11.42
CA ARG B 68 -36.03 -0.19 12.02
C ARG B 68 -34.83 -1.06 12.38
N GLY B 69 -33.64 -0.48 12.43
CA GLY B 69 -32.42 -1.14 12.87
C GLY B 69 -31.62 -1.89 11.84
N TYR B 70 -31.96 -1.79 10.56
CA TYR B 70 -31.29 -2.55 9.48
C TYR B 70 -30.39 -1.59 8.72
N LYS B 71 -29.10 -1.62 9.03
CA LYS B 71 -28.14 -0.87 8.23
C LYS B 71 -28.12 -1.32 6.76
N ILE B 72 -27.77 -0.39 5.87
CA ILE B 72 -27.71 -0.73 4.46
C ILE B 72 -26.28 -1.13 4.11
N LYS B 73 -26.08 -2.31 3.61
CA LYS B 73 -24.73 -2.81 3.37
C LYS B 73 -24.31 -2.47 1.93
N GLY B 74 -25.30 -2.35 1.03
CA GLY B 74 -24.99 -2.06 -0.39
C GLY B 74 -26.21 -2.05 -1.30
N SER B 75 -26.02 -1.55 -2.51
CA SER B 75 -27.01 -1.68 -3.58
C SER B 75 -26.32 -2.21 -4.81
N ILE B 76 -27.09 -2.96 -5.60
CA ILE B 76 -26.67 -3.41 -6.90
C ILE B 76 -27.73 -3.02 -7.95
N SER B 77 -27.26 -2.52 -9.09
CA SER B 77 -28.13 -2.07 -10.14
C SER B 77 -28.07 -3.06 -11.33
N SER B 78 -29.23 -3.44 -11.85
CA SER B 78 -29.34 -4.52 -12.85
C SER B 78 -29.10 -4.05 -14.28
N HIS B 79 -29.18 -2.75 -14.52
CA HIS B 79 -28.83 -2.16 -15.80
C HIS B 79 -28.74 -0.66 -15.67
N PHE B 80 -28.31 0.03 -16.73
CA PHE B 80 -27.92 1.41 -16.60
C PHE B 80 -29.10 2.42 -16.54
N HIS B 81 -30.27 2.03 -17.02
CA HIS B 81 -31.36 3.03 -17.09
C HIS B 81 -31.67 3.54 -15.66
N SER B 82 -32.25 4.72 -15.60
CA SER B 82 -32.40 5.37 -14.29
C SER B 82 -33.45 4.73 -13.38
N ASP B 83 -34.31 3.83 -13.87
CA ASP B 83 -35.18 3.11 -12.95
C ASP B 83 -34.47 2.03 -12.14
N SER B 84 -33.22 1.71 -12.47
CA SER B 84 -32.36 0.83 -11.68
C SER B 84 -31.24 1.57 -10.96
N THR B 85 -30.88 2.77 -11.44
CA THR B 85 -29.68 3.48 -11.02
C THR B 85 -29.92 4.87 -10.41
N GLY B 86 -31.15 5.34 -10.44
CA GLY B 86 -31.38 6.75 -10.14
C GLY B 86 -30.93 7.18 -8.73
N GLY B 87 -30.89 6.22 -7.81
CA GLY B 87 -30.49 6.46 -6.45
C GLY B 87 -29.00 6.32 -6.13
N ILE B 88 -28.21 5.97 -7.13
CA ILE B 88 -26.77 5.74 -6.90
C ILE B 88 -26.04 6.95 -6.30
N GLU B 89 -26.24 8.15 -6.87
CA GLU B 89 -25.60 9.35 -6.30
C GLU B 89 -25.93 9.55 -4.83
N TRP B 90 -27.20 9.42 -4.46
CA TRP B 90 -27.59 9.63 -3.08
C TRP B 90 -26.92 8.60 -2.16
N LEU B 91 -26.91 7.36 -2.61
CA LEU B 91 -26.25 6.25 -1.84
C LEU B 91 -24.75 6.53 -1.68
N ASN B 92 -24.09 6.90 -2.77
CA ASN B 92 -22.67 7.28 -2.75
C ASN B 92 -22.43 8.41 -1.71
N SER B 93 -23.30 9.43 -1.72
CA SER B 93 -23.14 10.57 -0.83
C SER B 93 -23.32 10.17 0.63
N ARG B 94 -23.94 9.01 0.90
CA ARG B 94 -24.08 8.50 2.26
C ARG B 94 -23.04 7.41 2.57
N SER B 95 -22.09 7.22 1.67
CA SER B 95 -21.07 6.18 1.80
C SER B 95 -21.64 4.79 1.88
N ILE B 96 -22.72 4.53 1.14
CA ILE B 96 -23.25 3.19 1.04
C ILE B 96 -22.69 2.60 -0.25
N PRO B 97 -22.02 1.41 -0.17
CA PRO B 97 -21.44 0.82 -1.38
C PRO B 97 -22.45 0.58 -2.49
N THR B 98 -22.17 1.04 -3.71
CA THR B 98 -22.98 0.76 -4.85
C THR B 98 -22.26 -0.13 -5.86
N TYR B 99 -23.00 -1.05 -6.44
CA TYR B 99 -22.47 -2.04 -7.36
C TYR B 99 -23.17 -2.00 -8.72
N ALA B 100 -22.37 -2.20 -9.78
CA ALA B 100 -22.91 -2.35 -11.09
C ALA B 100 -21.87 -3.07 -11.96
N SER B 101 -22.29 -3.65 -13.09
CA SER B 101 -21.31 -4.30 -13.96
C SER B 101 -20.38 -3.24 -14.53
N GLU B 102 -19.20 -3.67 -14.97
CA GLU B 102 -18.27 -2.79 -15.68
C GLU B 102 -18.96 -2.12 -16.88
N LEU B 103 -19.74 -2.89 -17.63
CA LEU B 103 -20.45 -2.32 -18.78
C LEU B 103 -21.56 -1.36 -18.35
N THR B 104 -22.31 -1.70 -17.29
CA THR B 104 -23.32 -0.74 -16.76
C THR B 104 -22.64 0.61 -16.38
N ASN B 105 -21.50 0.57 -15.71
CA ASN B 105 -20.79 1.79 -15.42
C ASN B 105 -20.30 2.55 -16.64
N GLU B 106 -19.83 1.82 -17.65
CA GLU B 106 -19.39 2.43 -18.91
C GLU B 106 -20.55 3.18 -19.58
N LEU B 107 -21.73 2.55 -19.59
CA LEU B 107 -22.91 3.17 -20.17
C LEU B 107 -23.44 4.36 -19.36
N LEU B 108 -23.34 4.28 -18.04
CA LEU B 108 -23.68 5.41 -17.20
C LEU B 108 -22.75 6.59 -17.50
N LYS B 109 -21.45 6.32 -17.62
CA LYS B 109 -20.46 7.36 -17.87
C LYS B 109 -20.72 7.99 -19.23
N LYS B 110 -20.97 7.16 -20.24
CA LYS B 110 -21.29 7.67 -21.58
C LYS B 110 -22.56 8.54 -21.62
N ASP B 111 -23.47 8.30 -20.69
CA ASP B 111 -24.63 9.17 -20.50
C ASP B 111 -24.47 10.33 -19.51
N GLY B 112 -23.24 10.68 -19.15
CA GLY B 112 -23.04 11.68 -18.10
C GLY B 112 -23.71 11.42 -16.77
N LYS B 113 -23.82 10.16 -16.36
CA LYS B 113 -24.38 9.83 -15.07
C LYS B 113 -23.27 9.36 -14.09
N VAL B 114 -23.56 9.50 -12.80
CA VAL B 114 -22.72 9.02 -11.73
C VAL B 114 -22.64 7.53 -11.78
N GLN B 115 -21.43 7.02 -11.56
CA GLN B 115 -21.18 5.57 -11.58
C GLN B 115 -21.30 4.94 -10.21
N ALA B 116 -21.57 3.65 -10.20
CA ALA B 116 -21.37 2.82 -9.00
C ALA B 116 -19.91 2.75 -8.58
N THR B 117 -19.68 2.68 -7.27
CA THR B 117 -18.31 2.63 -6.74
C THR B 117 -17.64 1.23 -6.80
N ASN B 118 -18.40 0.18 -7.08
CA ASN B 118 -17.86 -1.19 -7.14
C ASN B 118 -18.38 -1.82 -8.44
N SER B 119 -17.46 -2.29 -9.29
CA SER B 119 -17.83 -2.93 -10.49
C SER B 119 -17.36 -4.37 -10.57
N PHE B 120 -18.00 -5.11 -11.45
CA PHE B 120 -17.65 -6.50 -11.70
C PHE B 120 -17.73 -6.78 -13.18
N SER B 121 -16.72 -7.50 -13.65
CA SER B 121 -16.62 -7.97 -15.02
C SER B 121 -16.82 -9.48 -14.97
N GLY B 122 -17.56 -10.01 -15.91
CA GLY B 122 -17.72 -11.44 -15.99
C GLY B 122 -19.18 -11.84 -15.93
N VAL B 123 -19.40 -13.12 -16.18
CA VAL B 123 -20.75 -13.66 -16.31
C VAL B 123 -21.39 -13.94 -14.95
N ASN B 124 -20.59 -14.38 -13.97
CA ASN B 124 -21.11 -14.65 -12.64
C ASN B 124 -20.39 -13.77 -11.62
N TYR B 125 -21.14 -13.34 -10.60
CA TYR B 125 -20.54 -12.57 -9.52
C TYR B 125 -21.36 -12.80 -8.27
N TRP B 126 -20.68 -13.04 -7.16
CA TRP B 126 -21.33 -13.17 -5.86
C TRP B 126 -21.29 -11.81 -5.18
N LEU B 127 -22.45 -11.18 -4.99
CA LEU B 127 -22.51 -10.02 -4.13
C LEU B 127 -22.42 -10.46 -2.67
N VAL B 128 -23.17 -11.50 -2.29
CA VAL B 128 -22.95 -12.17 -1.00
C VAL B 128 -22.89 -13.67 -1.24
N LYS B 129 -21.73 -14.25 -0.93
CA LYS B 129 -21.49 -15.63 -1.31
C LYS B 129 -22.57 -16.56 -0.72
N ASN B 130 -23.11 -17.40 -1.60
CA ASN B 130 -24.24 -18.30 -1.33
C ASN B 130 -25.57 -17.69 -1.01
N LYS B 131 -25.73 -16.39 -1.26
CA LYS B 131 -26.95 -15.71 -0.85
C LYS B 131 -27.48 -14.77 -1.92
N ILE B 132 -26.58 -14.01 -2.58
CA ILE B 132 -26.98 -13.06 -3.61
C ILE B 132 -26.00 -13.13 -4.77
N GLU B 133 -26.47 -13.70 -5.87
CA GLU B 133 -25.65 -14.04 -7.01
C GLU B 133 -26.10 -13.18 -8.19
N VAL B 134 -25.18 -12.79 -9.04
CA VAL B 134 -25.51 -11.96 -10.22
C VAL B 134 -25.13 -12.74 -11.43
N PHE B 135 -25.95 -12.68 -12.47
CA PHE B 135 -25.69 -13.41 -13.72
C PHE B 135 -26.00 -12.55 -14.94
N TYR B 136 -25.11 -12.58 -15.92
CA TYR B 136 -25.35 -11.98 -17.21
C TYR B 136 -25.82 -13.03 -18.26
N PRO B 137 -27.08 -12.93 -18.74
CA PRO B 137 -27.57 -13.88 -19.75
C PRO B 137 -27.21 -13.49 -21.19
N GLY B 138 -26.64 -12.31 -21.36
CA GLY B 138 -26.51 -11.69 -22.66
C GLY B 138 -27.43 -10.50 -22.92
N PRO B 139 -27.15 -9.78 -24.01
CA PRO B 139 -27.93 -8.61 -24.36
C PRO B 139 -29.41 -8.95 -24.55
N GLY B 140 -30.27 -8.00 -24.19
CA GLY B 140 -31.70 -8.09 -24.44
C GLY B 140 -32.34 -6.73 -24.46
N HIS B 141 -33.00 -6.43 -23.35
CA HIS B 141 -33.54 -5.12 -23.11
C HIS B 141 -32.52 -4.02 -23.26
N THR B 142 -31.31 -4.25 -22.72
CA THR B 142 -30.16 -3.40 -22.95
C THR B 142 -28.94 -4.31 -23.12
N PRO B 143 -27.79 -3.75 -23.52
CA PRO B 143 -26.61 -4.60 -23.69
C PRO B 143 -26.06 -5.13 -22.37
N ASP B 144 -26.37 -4.42 -21.28
CA ASP B 144 -25.73 -4.65 -19.98
C ASP B 144 -26.59 -5.43 -18.98
N ASN B 145 -27.86 -5.70 -19.32
CA ASN B 145 -28.80 -6.26 -18.34
C ASN B 145 -28.31 -7.54 -17.65
N VAL B 146 -28.35 -7.51 -16.31
CA VAL B 146 -28.07 -8.65 -15.48
C VAL B 146 -29.24 -8.98 -14.58
N VAL B 147 -29.21 -10.21 -14.08
CA VAL B 147 -30.22 -10.70 -13.18
C VAL B 147 -29.59 -11.06 -11.84
N VAL B 148 -30.43 -11.17 -10.82
CA VAL B 148 -29.97 -11.46 -9.49
C VAL B 148 -30.75 -12.65 -8.94
N TRP B 149 -29.99 -13.59 -8.38
CA TRP B 149 -30.50 -14.90 -7.95
C TRP B 149 -30.23 -15.06 -6.47
N LEU B 150 -31.27 -15.44 -5.74
CA LEU B 150 -31.17 -15.70 -4.31
C LEU B 150 -31.32 -17.21 -4.08
N PRO B 151 -30.19 -17.93 -3.96
CA PRO B 151 -30.29 -19.40 -4.03
C PRO B 151 -31.00 -20.01 -2.84
N GLU B 152 -30.93 -19.36 -1.70
CA GLU B 152 -31.61 -19.88 -0.55
C GLU B 152 -33.11 -19.84 -0.67
N ARG B 153 -33.67 -18.95 -1.49
CA ARG B 153 -35.13 -18.86 -1.63
C ARG B 153 -35.64 -19.27 -2.99
N LYS B 154 -34.71 -19.52 -3.91
CA LYS B 154 -35.07 -19.79 -5.31
C LYS B 154 -35.89 -18.64 -5.93
N ILE B 155 -35.47 -17.41 -5.63
CA ILE B 155 -36.05 -16.20 -6.18
C ILE B 155 -35.09 -15.57 -7.20
N LEU B 156 -35.61 -15.28 -8.39
CA LEU B 156 -34.86 -14.60 -9.43
C LEU B 156 -35.43 -13.20 -9.63
N PHE B 157 -34.61 -12.17 -9.46
CA PHE B 157 -34.98 -10.83 -9.91
C PHE B 157 -34.49 -10.64 -11.34
N GLY B 158 -35.44 -10.54 -12.26
CA GLY B 158 -35.17 -10.49 -13.67
C GLY B 158 -35.05 -9.09 -14.22
N GLY B 159 -35.42 -8.12 -13.42
CA GLY B 159 -35.32 -6.73 -13.85
C GLY B 159 -36.08 -6.44 -15.12
N CYS B 160 -35.54 -5.55 -15.92
CA CYS B 160 -36.24 -5.07 -17.08
C CYS B 160 -36.07 -6.00 -18.28
N PHE B 161 -35.37 -7.11 -18.05
CA PHE B 161 -35.17 -8.16 -19.06
C PHE B 161 -36.41 -9.06 -19.19
N ILE B 162 -37.13 -9.26 -18.08
CA ILE B 162 -38.29 -10.13 -18.04
C ILE B 162 -39.53 -9.33 -18.46
N LYS B 163 -40.12 -9.75 -19.59
CA LYS B 163 -41.12 -8.96 -20.31
C LYS B 163 -42.23 -9.88 -20.83
N PRO B 164 -43.14 -10.30 -19.93
CA PRO B 164 -44.11 -11.33 -20.32
C PRO B 164 -45.18 -10.83 -21.28
N TYR B 165 -45.44 -9.52 -21.31
CA TYR B 165 -46.59 -9.01 -22.07
C TYR B 165 -46.19 -8.20 -23.28
N GLY B 166 -44.90 -8.02 -23.50
CA GLY B 166 -44.41 -7.18 -24.58
C GLY B 166 -43.08 -6.57 -24.18
N LEU B 167 -42.22 -6.28 -25.16
CA LEU B 167 -40.83 -5.92 -24.87
C LEU B 167 -40.61 -4.46 -24.43
N GLY B 168 -41.62 -3.63 -24.62
CA GLY B 168 -41.48 -2.20 -24.32
C GLY B 168 -40.60 -1.46 -25.31
N ASN B 169 -40.13 -0.30 -24.89
CA ASN B 169 -39.17 0.48 -25.67
C ASN B 169 -37.92 -0.31 -26.00
N LEU B 170 -37.58 -0.32 -27.29
CA LEU B 170 -36.45 -1.03 -27.85
C LEU B 170 -35.28 -0.09 -28.18
N GLY B 171 -35.37 1.17 -27.78
CA GLY B 171 -34.30 2.15 -28.11
C GLY B 171 -32.88 1.69 -27.80
N ASP B 172 -32.68 0.98 -26.69
CA ASP B 172 -31.36 0.51 -26.30
C ASP B 172 -31.24 -1.01 -26.37
N ALA B 173 -32.23 -1.69 -26.98
CA ALA B 173 -32.34 -3.14 -26.90
C ALA B 173 -31.58 -3.81 -28.03
N ASN B 174 -31.15 -5.03 -27.80
CA ASN B 174 -30.53 -5.84 -28.85
C ASN B 174 -31.49 -6.98 -29.21
N ILE B 175 -32.38 -6.66 -30.14
CA ILE B 175 -33.47 -7.56 -30.48
C ILE B 175 -33.01 -8.89 -31.15
N GLU B 176 -31.91 -8.84 -31.88
CA GLU B 176 -31.30 -10.06 -32.46
C GLU B 176 -30.73 -11.05 -31.40
N ALA B 177 -30.21 -10.52 -30.28
CA ALA B 177 -29.60 -11.35 -29.22
C ALA B 177 -30.62 -11.81 -28.16
N TRP B 178 -31.72 -11.08 -28.02
CA TRP B 178 -32.62 -11.27 -26.88
C TRP B 178 -33.21 -12.71 -26.82
N PRO B 179 -33.53 -13.31 -27.98
CA PRO B 179 -34.09 -14.68 -27.83
C PRO B 179 -33.07 -15.67 -27.28
N LYS B 180 -31.82 -15.57 -27.72
CA LYS B 180 -30.77 -16.45 -27.26
C LYS B 180 -30.55 -16.21 -25.78
N SER B 181 -30.49 -14.93 -25.42
CA SER B 181 -30.29 -14.55 -24.03
C SER B 181 -31.40 -15.10 -23.15
N ALA B 182 -32.64 -14.99 -23.62
CA ALA B 182 -33.79 -15.50 -22.86
C ALA B 182 -33.83 -17.02 -22.76
N LYS B 183 -33.42 -17.69 -23.85
CA LYS B 183 -33.30 -19.15 -23.84
C LYS B 183 -32.30 -19.59 -22.77
N LEU B 184 -31.14 -18.92 -22.72
CA LEU B 184 -30.11 -19.24 -21.74
C LEU B 184 -30.59 -19.06 -20.29
N LEU B 185 -31.31 -17.95 -20.05
CA LEU B 185 -31.88 -17.65 -18.73
C LEU B 185 -32.87 -18.72 -18.31
N LYS B 186 -33.77 -19.08 -19.23
CA LYS B 186 -34.76 -20.11 -18.96
C LYS B 186 -34.09 -21.43 -18.56
N SER B 187 -33.05 -21.85 -19.25
CA SER B 187 -32.44 -23.13 -18.90
C SER B 187 -31.65 -23.06 -17.60
N LYS B 188 -31.15 -21.89 -17.23
CA LYS B 188 -30.42 -21.78 -15.96
C LYS B 188 -31.35 -21.75 -14.73
N TYR B 189 -32.49 -21.09 -14.86
CA TYR B 189 -33.34 -20.74 -13.72
C TYR B 189 -34.75 -21.33 -13.80
N GLY B 190 -34.94 -22.38 -14.60
CA GLY B 190 -36.23 -23.06 -14.70
C GLY B 190 -36.76 -23.55 -13.36
N LYS B 191 -35.85 -23.82 -12.45
CA LYS B 191 -36.13 -24.23 -11.06
C LYS B 191 -36.71 -23.11 -10.19
N ALA B 192 -36.59 -21.85 -10.64
CA ALA B 192 -36.95 -20.74 -9.78
C ALA B 192 -38.37 -20.91 -9.26
N LYS B 193 -38.53 -20.64 -7.97
CA LYS B 193 -39.85 -20.57 -7.32
C LYS B 193 -40.60 -19.28 -7.71
N LEU B 194 -39.88 -18.16 -7.74
CA LEU B 194 -40.50 -16.87 -8.04
C LEU B 194 -39.59 -16.13 -8.99
N VAL B 195 -40.21 -15.42 -9.92
CA VAL B 195 -39.50 -14.51 -10.80
C VAL B 195 -40.13 -13.10 -10.68
N VAL B 196 -39.28 -12.11 -10.36
CA VAL B 196 -39.71 -10.73 -10.11
C VAL B 196 -39.24 -9.84 -11.27
N PRO B 197 -40.16 -9.42 -12.13
CA PRO B 197 -39.83 -8.46 -13.18
C PRO B 197 -39.86 -7.03 -12.63
N SER B 198 -39.23 -6.11 -13.34
CA SER B 198 -39.29 -4.69 -12.96
C SER B 198 -40.68 -4.08 -13.09
N HIS B 199 -41.40 -4.46 -14.14
CA HIS B 199 -42.54 -3.64 -14.57
C HIS B 199 -43.82 -4.42 -14.68
N SER B 200 -43.87 -5.64 -14.18
CA SER B 200 -45.14 -6.30 -14.00
C SER B 200 -45.09 -7.19 -12.78
N GLU B 201 -46.16 -7.93 -12.54
CA GLU B 201 -46.35 -8.63 -11.27
C GLU B 201 -45.36 -9.80 -11.10
N VAL B 202 -45.06 -10.12 -9.85
CA VAL B 202 -44.29 -11.29 -9.50
C VAL B 202 -44.98 -12.53 -10.06
N GLY B 203 -44.19 -13.47 -10.58
CA GLY B 203 -44.72 -14.68 -11.16
C GLY B 203 -43.89 -15.89 -10.77
N ASP B 204 -44.16 -17.01 -11.43
CA ASP B 204 -43.31 -18.19 -11.24
C ASP B 204 -42.40 -18.34 -12.45
N ALA B 205 -41.79 -19.51 -12.58
CA ALA B 205 -40.78 -19.71 -13.61
C ALA B 205 -41.36 -19.64 -15.03
N SER B 206 -42.68 -19.71 -15.13
CA SER B 206 -43.34 -19.54 -16.42
C SER B 206 -42.98 -18.20 -17.08
N LEU B 207 -42.58 -17.21 -16.28
CA LEU B 207 -42.27 -15.89 -16.84
C LEU B 207 -41.03 -15.94 -17.70
N LEU B 208 -40.15 -16.91 -17.43
CA LEU B 208 -39.00 -17.12 -18.30
C LEU B 208 -39.42 -17.60 -19.69
N LYS B 209 -40.44 -18.45 -19.74
CA LYS B 209 -40.94 -18.99 -21.01
C LYS B 209 -41.64 -17.87 -21.81
N LEU B 210 -42.50 -17.10 -21.13
CA LEU B 210 -43.22 -16.02 -21.79
C LEU B 210 -42.25 -14.97 -22.35
N THR B 211 -41.16 -14.70 -21.62
CA THR B 211 -40.20 -13.69 -22.06
C THR B 211 -39.49 -14.14 -23.37
N LEU B 212 -39.07 -15.41 -23.38
CA LEU B 212 -38.51 -16.02 -24.59
C LEU B 212 -39.49 -15.90 -25.76
N GLU B 213 -40.76 -16.19 -25.50
CA GLU B 213 -41.80 -16.10 -26.53
C GLU B 213 -41.97 -14.67 -27.07
N GLN B 214 -42.02 -13.70 -26.17
CA GLN B 214 -42.08 -12.30 -26.55
C GLN B 214 -40.81 -11.81 -27.28
N ALA B 215 -39.64 -12.29 -26.87
CA ALA B 215 -38.41 -11.92 -27.57
C ALA B 215 -38.43 -12.44 -29.03
N VAL B 216 -38.85 -13.68 -29.21
CA VAL B 216 -38.94 -14.29 -30.55
C VAL B 216 -39.90 -13.49 -31.45
N LYS B 217 -41.09 -13.21 -30.92
CA LYS B 217 -42.07 -12.37 -31.60
C LYS B 217 -41.53 -10.97 -32.00
N GLY B 218 -40.87 -10.29 -31.07
CA GLY B 218 -40.37 -8.96 -31.36
C GLY B 218 -39.35 -9.00 -32.49
N LEU B 219 -38.46 -9.99 -32.45
CA LEU B 219 -37.45 -10.20 -33.51
C LEU B 219 -38.09 -10.47 -34.86
N ASN B 220 -39.14 -11.29 -34.88
CA ASN B 220 -39.85 -11.59 -36.12
C ASN B 220 -40.48 -10.33 -36.71
N GLU B 221 -41.25 -9.62 -35.90
CA GLU B 221 -41.82 -8.34 -36.32
C GLU B 221 -40.76 -7.39 -36.89
N SER B 222 -39.57 -7.33 -36.29
CA SER B 222 -38.60 -6.29 -36.64
C SER B 222 -38.10 -6.34 -38.09
N LEU C 6 -18.15 20.64 11.23
CA LEU C 6 -17.20 20.46 12.39
C LEU C 6 -17.61 21.33 13.57
N PRO C 7 -17.88 20.71 14.72
CA PRO C 7 -18.03 21.46 15.96
C PRO C 7 -16.78 22.32 16.32
N ASP C 8 -16.99 23.36 17.11
CA ASP C 8 -15.88 24.18 17.61
C ASP C 8 -15.02 23.41 18.60
N LEU C 9 -13.78 23.85 18.73
CA LEU C 9 -12.89 23.43 19.81
C LEU C 9 -13.61 23.50 21.15
N LYS C 10 -13.53 22.42 21.91
CA LYS C 10 -14.09 22.34 23.27
C LYS C 10 -12.96 22.32 24.30
N ILE C 11 -13.21 23.00 25.42
CA ILE C 11 -12.28 23.01 26.54
C ILE C 11 -13.07 22.78 27.83
N GLU C 12 -12.80 21.68 28.52
CA GLU C 12 -13.63 21.25 29.65
C GLU C 12 -12.73 20.86 30.80
N LYS C 13 -13.09 21.25 32.01
CA LYS C 13 -12.33 20.87 33.17
C LYS C 13 -12.49 19.38 33.47
N LEU C 14 -11.38 18.70 33.71
CA LEU C 14 -11.41 17.28 34.04
C LEU C 14 -11.14 17.04 35.53
N ASP C 15 -10.30 17.87 36.13
CA ASP C 15 -9.88 17.67 37.51
C ASP C 15 -9.15 18.95 37.89
N GLU C 16 -8.83 19.11 39.18
CA GLU C 16 -8.08 20.30 39.60
C GLU C 16 -6.80 20.38 38.78
N GLY C 17 -6.61 21.48 38.07
CA GLY C 17 -5.39 21.72 37.34
C GLY C 17 -5.29 20.98 36.00
N VAL C 18 -6.41 20.38 35.55
CA VAL C 18 -6.39 19.56 34.33
C VAL C 18 -7.66 19.78 33.49
N TYR C 19 -7.44 20.23 32.26
CA TYR C 19 -8.52 20.43 31.30
C TYR C 19 -8.31 19.47 30.13
N VAL C 20 -9.40 19.07 29.49
CA VAL C 20 -9.40 18.35 28.21
C VAL C 20 -9.81 19.30 27.09
N HIS C 21 -8.96 19.37 26.06
CA HIS C 21 -9.30 20.08 24.86
C HIS C 21 -9.66 19.10 23.77
N THR C 22 -10.75 19.37 23.07
CA THR C 22 -11.22 18.48 22.03
C THR C 22 -11.40 19.21 20.71
N SER C 23 -10.65 18.78 19.71
CA SER C 23 -10.79 19.30 18.35
C SER C 23 -11.31 18.20 17.44
N PHE C 24 -11.72 18.56 16.22
CA PHE C 24 -12.53 17.65 15.41
C PHE C 24 -12.06 17.61 13.96
N GLU C 25 -12.18 16.41 13.37
CA GLU C 25 -11.88 16.23 11.93
C GLU C 25 -12.96 15.34 11.33
N GLU C 26 -13.27 15.59 10.07
CA GLU C 26 -14.25 14.74 9.39
C GLU C 26 -13.49 13.66 8.61
N VAL C 27 -13.90 12.41 8.78
CA VAL C 27 -13.29 11.23 8.14
C VAL C 27 -14.37 10.56 7.28
N ASN C 28 -14.19 10.50 5.97
CA ASN C 28 -15.30 10.02 5.13
C ASN C 28 -15.69 8.56 5.35
N GLY C 29 -17.00 8.31 5.30
CA GLY C 29 -17.55 7.00 5.60
C GLY C 29 -17.43 6.61 7.07
N TRP C 30 -17.14 7.61 7.91
CA TRP C 30 -16.94 7.40 9.34
C TRP C 30 -17.55 8.57 10.15
N GLY C 31 -17.46 9.79 9.61
CA GLY C 31 -18.06 10.99 10.23
C GLY C 31 -17.07 11.86 11.01
N VAL C 32 -17.58 12.63 11.96
CA VAL C 32 -16.79 13.60 12.71
C VAL C 32 -16.16 12.87 13.88
N VAL C 33 -14.83 12.95 13.97
CA VAL C 33 -14.09 12.23 15.00
C VAL C 33 -13.42 13.24 15.90
N PRO C 34 -13.53 13.07 17.22
CA PRO C 34 -12.84 13.95 18.15
C PRO C 34 -11.38 13.57 18.33
N LYS C 35 -10.58 14.55 18.72
CA LYS C 35 -9.24 14.32 19.26
C LYS C 35 -9.15 15.03 20.59
N HIS C 36 -8.86 14.29 21.65
CA HIS C 36 -8.67 14.86 22.98
C HIS C 36 -7.18 15.04 23.22
N GLY C 37 -6.82 16.19 23.76
CA GLY C 37 -5.55 16.38 24.54
C GLY C 37 -5.84 17.02 25.88
N LEU C 38 -4.78 17.40 26.58
CA LEU C 38 -4.91 18.05 27.89
C LEU C 38 -4.23 19.41 27.93
N VAL C 39 -4.72 20.27 28.82
CA VAL C 39 -3.91 21.38 29.31
C VAL C 39 -3.73 21.15 30.79
N VAL C 40 -2.48 21.14 31.24
CA VAL C 40 -2.16 20.92 32.63
C VAL C 40 -1.61 22.19 33.27
N LEU C 41 -2.16 22.54 34.42
CA LEU C 41 -1.83 23.82 35.08
C LEU C 41 -1.01 23.59 36.35
N VAL C 42 0.13 24.27 36.41
CA VAL C 42 1.01 24.23 37.55
C VAL C 42 1.21 25.68 37.96
N ASN C 43 0.54 26.07 39.04
CA ASN C 43 0.37 27.48 39.38
C ASN C 43 -0.29 28.23 38.24
N ALA C 44 0.36 29.24 37.70
CA ALA C 44 -0.27 30.03 36.66
C ALA C 44 0.42 29.73 35.36
N GLU C 45 1.01 28.55 35.27
CA GLU C 45 1.67 28.16 34.03
C GLU C 45 0.91 26.99 33.44
N ALA C 46 0.73 27.02 32.12
CA ALA C 46 -0.06 25.99 31.41
C ALA C 46 0.84 25.20 30.46
N TYR C 47 0.63 23.89 30.44
CA TYR C 47 1.37 23.01 29.56
C TYR C 47 0.39 22.31 28.62
N LEU C 48 0.61 22.39 27.30
CA LEU C 48 -0.27 21.72 26.35
C LEU C 48 0.20 20.26 26.14
N ILE C 49 -0.70 19.30 26.40
CA ILE C 49 -0.44 17.90 26.15
C ILE C 49 -1.17 17.57 24.84
N ASP C 50 -0.40 17.52 23.77
CA ASP C 50 -0.84 17.52 22.37
C ASP C 50 -1.40 18.85 21.92
N THR C 51 -1.16 19.17 20.64
CA THR C 51 -1.83 20.31 20.00
C THR C 51 -3.07 19.79 19.28
N PRO C 52 -4.05 20.63 19.10
CA PRO C 52 -5.11 20.32 18.12
C PRO C 52 -4.58 20.03 16.72
N PHE C 53 -5.48 19.65 15.83
CA PHE C 53 -5.10 19.35 14.47
C PHE C 53 -4.48 20.56 13.79
N THR C 54 -5.06 21.73 14.01
CA THR C 54 -4.73 22.89 13.20
C THR C 54 -4.08 24.01 14.03
N ALA C 55 -3.39 24.89 13.31
CA ALA C 55 -2.86 26.12 13.86
C ALA C 55 -4.00 26.97 14.42
N LYS C 56 -5.07 27.10 13.65
CA LYS C 56 -6.20 27.89 14.07
C LYS C 56 -6.68 27.45 15.45
N ASP C 57 -6.93 26.16 15.62
CA ASP C 57 -7.43 25.69 16.92
C ASP C 57 -6.37 25.81 18.01
N THR C 58 -5.12 25.67 17.61
CA THR C 58 -4.03 25.79 18.57
C THR C 58 -3.96 27.24 19.12
N GLU C 59 -4.19 28.20 18.24
CA GLU C 59 -4.29 29.60 18.62
C GLU C 59 -5.51 29.86 19.52
N LYS C 60 -6.66 29.26 19.20
CA LYS C 60 -7.84 29.38 20.04
C LYS C 60 -7.60 28.85 21.42
N LEU C 61 -6.91 27.72 21.48
CA LEU C 61 -6.62 27.06 22.76
C LEU C 61 -5.70 27.92 23.65
N VAL C 62 -4.60 28.38 23.07
CA VAL C 62 -3.65 29.23 23.77
C VAL C 62 -4.32 30.52 24.23
N THR C 63 -5.14 31.10 23.39
CA THR C 63 -5.80 32.38 23.71
C THR C 63 -6.75 32.23 24.90
N TRP C 64 -7.45 31.11 24.96
CA TRP C 64 -8.38 30.85 26.06
C TRP C 64 -7.66 30.85 27.42
N PHE C 65 -6.51 30.22 27.46
CA PHE C 65 -5.75 30.17 28.69
C PHE C 65 -4.99 31.48 28.98
N VAL C 66 -4.44 32.14 27.96
CA VAL C 66 -3.74 33.44 28.16
C VAL C 66 -4.73 34.51 28.64
N GLU C 67 -5.92 34.49 28.09
CA GLU C 67 -6.93 35.45 28.50
C GLU C 67 -7.45 35.15 29.90
N ARG C 68 -7.11 34.00 30.47
CA ARG C 68 -7.40 33.71 31.87
C ARG C 68 -6.15 33.83 32.73
N GLY C 69 -5.13 34.48 32.20
CA GLY C 69 -3.95 34.88 32.99
C GLY C 69 -2.80 33.89 33.02
N TYR C 70 -2.88 32.82 32.22
CA TYR C 70 -1.83 31.78 32.21
C TYR C 70 -0.74 32.13 31.22
N LYS C 71 0.50 31.85 31.59
CA LYS C 71 1.62 31.78 30.65
C LYS C 71 1.72 30.36 30.09
N ILE C 72 1.76 30.25 28.77
CA ILE C 72 1.94 28.93 28.17
C ILE C 72 3.42 28.57 28.22
N LYS C 73 3.79 27.62 29.05
CA LYS C 73 5.20 27.31 29.27
C LYS C 73 5.72 26.36 28.23
N GLY C 74 4.85 25.55 27.63
CA GLY C 74 5.32 24.63 26.61
C GLY C 74 4.25 23.64 26.17
N SER C 75 4.55 22.92 25.11
CA SER C 75 3.73 21.79 24.66
C SER C 75 4.58 20.55 24.51
N ILE C 76 3.95 19.40 24.69
CA ILE C 76 4.52 18.15 24.31
C ILE C 76 3.56 17.41 23.36
N SER C 77 4.12 16.70 22.38
CA SER C 77 3.31 15.94 21.43
C SER C 77 3.54 14.44 21.63
N SER C 78 2.46 13.70 21.76
CA SER C 78 2.52 12.30 22.12
C SER C 78 2.94 11.37 21.00
N HIS C 79 2.82 11.79 19.76
CA HIS C 79 3.37 11.08 18.63
C HIS C 79 3.34 12.01 17.42
N PHE C 80 3.83 11.54 16.28
CA PHE C 80 4.12 12.43 15.16
C PHE C 80 2.93 12.83 14.31
N HIS C 81 1.83 12.09 14.40
CA HIS C 81 0.68 12.43 13.56
C HIS C 81 0.16 13.84 13.87
N SER C 82 -0.53 14.38 12.87
CA SER C 82 -0.93 15.76 12.89
C SER C 82 -2.03 16.07 13.90
N ASP C 83 -2.68 15.04 14.48
CA ASP C 83 -3.61 15.31 15.56
C ASP C 83 -2.93 15.55 16.89
N SER C 84 -1.61 15.30 16.97
CA SER C 84 -0.79 15.69 18.12
C SER C 84 0.19 16.84 17.88
N THR C 85 0.56 17.07 16.62
CA THR C 85 1.65 17.97 16.25
C THR C 85 1.23 19.15 15.35
N GLY C 86 -0.03 19.21 14.95
CA GLY C 86 -0.45 20.15 13.91
C GLY C 86 -0.15 21.59 14.27
N GLY C 87 -0.12 21.88 15.56
CA GLY C 87 0.05 23.22 16.06
C GLY C 87 1.51 23.60 16.32
N ILE C 88 2.43 22.64 16.16
CA ILE C 88 3.84 22.93 16.51
C ILE C 88 4.41 24.16 15.79
N GLU C 89 4.16 24.25 14.50
CA GLU C 89 4.70 25.38 13.75
C GLU C 89 4.22 26.74 14.27
N TRP C 90 2.93 26.83 14.61
CA TRP C 90 2.37 28.07 15.18
C TRP C 90 2.98 28.39 16.56
N LEU C 91 3.10 27.38 17.41
CA LEU C 91 3.67 27.54 18.72
C LEU C 91 5.12 28.04 18.63
N ASN C 92 5.88 27.45 17.71
CA ASN C 92 7.27 27.87 17.44
C ASN C 92 7.33 29.33 17.04
N SER C 93 6.42 29.74 16.18
CA SER C 93 6.40 31.12 15.67
C SER C 93 6.08 32.12 16.78
N ARG C 94 5.51 31.66 17.89
CA ARG C 94 5.25 32.54 19.02
C ARG C 94 6.26 32.33 20.13
N SER C 95 7.36 31.67 19.82
CA SER C 95 8.40 31.37 20.83
C SER C 95 7.93 30.60 22.06
N ILE C 96 6.87 29.81 21.94
CA ILE C 96 6.47 28.86 22.98
C ILE C 96 7.27 27.55 22.79
N PRO C 97 8.05 27.13 23.81
CA PRO C 97 8.84 25.89 23.68
C PRO C 97 7.96 24.65 23.32
N THR C 98 8.39 23.89 22.32
CA THR C 98 7.67 22.67 21.92
C THR C 98 8.61 21.49 22.16
N TYR C 99 8.03 20.42 22.70
CA TYR C 99 8.76 19.19 23.03
C TYR C 99 8.20 17.98 22.26
N ALA C 100 9.10 17.10 21.86
CA ALA C 100 8.72 15.77 21.42
C ALA C 100 9.90 14.83 21.60
N SER C 101 9.65 13.55 21.53
CA SER C 101 10.77 12.60 21.61
C SER C 101 11.63 12.78 20.38
N GLU C 102 12.88 12.34 20.50
CA GLU C 102 13.79 12.34 19.41
C GLU C 102 13.22 11.58 18.19
N LEU C 103 12.64 10.42 18.45
CA LEU C 103 12.06 9.63 17.39
C LEU C 103 10.86 10.35 16.74
N THR C 104 10.02 10.97 17.54
CA THR C 104 8.92 11.78 16.99
C THR C 104 9.44 12.91 16.07
N ASN C 105 10.47 13.61 16.50
CA ASN C 105 11.06 14.62 15.65
C ASN C 105 11.67 14.10 14.35
N GLU C 106 12.29 12.92 14.42
CA GLU C 106 12.84 12.26 13.25
C GLU C 106 11.69 11.94 12.23
N LEU C 107 10.56 11.47 12.74
CA LEU C 107 9.42 11.12 11.88
C LEU C 107 8.75 12.37 11.32
N LEU C 108 8.69 13.45 12.10
CA LEU C 108 8.21 14.72 11.55
C LEU C 108 9.13 15.18 10.41
N LYS C 109 10.44 15.12 10.65
CA LYS C 109 11.40 15.56 9.65
C LYS C 109 11.28 14.70 8.39
N LYS C 110 11.14 13.39 8.56
CA LYS C 110 11.01 12.49 7.41
C LYS C 110 9.77 12.84 6.57
N ASP C 111 8.69 13.24 7.23
CA ASP C 111 7.48 13.64 6.51
C ASP C 111 7.38 15.07 6.04
N GLY C 112 8.50 15.79 6.10
CA GLY C 112 8.59 17.17 5.66
C GLY C 112 7.83 18.13 6.54
N LYS C 113 7.64 17.80 7.82
CA LYS C 113 6.88 18.62 8.76
C LYS C 113 7.82 19.40 9.71
N VAL C 114 7.29 20.45 10.31
CA VAL C 114 8.05 21.23 11.31
C VAL C 114 8.24 20.42 12.59
N GLN C 115 9.48 20.40 13.07
CA GLN C 115 9.83 19.68 14.29
C GLN C 115 9.60 20.50 15.53
N ALA C 116 9.43 19.83 16.68
CA ALA C 116 9.49 20.51 17.97
C ALA C 116 10.90 21.07 18.23
N THR C 117 10.99 22.14 19.03
CA THR C 117 12.28 22.82 19.22
C THR C 117 13.16 22.09 20.23
N ASN C 118 12.55 21.20 21.01
CA ASN C 118 13.26 20.42 22.05
C ASN C 118 12.93 18.94 21.94
N SER C 119 13.94 18.09 22.14
CA SER C 119 13.72 16.68 22.10
C SER C 119 14.20 15.99 23.38
N PHE C 120 13.54 14.89 23.69
CA PHE C 120 13.93 14.07 24.79
C PHE C 120 14.06 12.66 24.30
N SER C 121 14.93 11.89 24.95
CA SER C 121 15.02 10.50 24.67
C SER C 121 15.13 9.78 25.99
N GLY C 122 14.73 8.54 25.98
CA GLY C 122 14.64 7.81 27.22
C GLY C 122 13.23 7.30 27.42
N VAL C 123 13.14 6.29 28.25
CA VAL C 123 11.89 5.62 28.48
C VAL C 123 11.00 6.47 29.40
N ASN C 124 11.61 7.11 30.40
CA ASN C 124 10.93 8.00 31.32
C ASN C 124 11.55 9.39 31.20
N TYR C 125 10.72 10.42 31.22
CA TYR C 125 11.21 11.81 31.13
C TYR C 125 10.24 12.68 31.92
N TRP C 126 10.75 13.57 32.77
CA TRP C 126 9.88 14.57 33.38
C TRP C 126 9.81 15.79 32.48
N LEU C 127 8.62 16.11 31.97
CA LEU C 127 8.43 17.45 31.39
C LEU C 127 8.45 18.51 32.49
N VAL C 128 7.78 18.20 33.60
CA VAL C 128 7.81 19.04 34.78
C VAL C 128 8.00 18.14 36.00
N LYS C 129 9.10 18.31 36.72
CA LYS C 129 9.45 17.37 37.78
C LYS C 129 8.30 17.21 38.78
N ASN C 130 7.95 15.95 39.06
CA ASN C 130 6.90 15.62 40.03
C ASN C 130 5.48 16.01 39.62
N LYS C 131 5.29 16.56 38.42
CA LYS C 131 3.95 16.99 37.97
C LYS C 131 3.53 16.35 36.64
N ILE C 132 4.45 16.30 35.69
CA ILE C 132 4.10 15.79 34.35
C ILE C 132 5.22 14.88 33.87
N GLU C 133 4.91 13.58 33.81
CA GLU C 133 5.87 12.54 33.44
C GLU C 133 5.49 11.94 32.09
N VAL C 134 6.50 11.54 31.33
CA VAL C 134 6.29 10.93 30.01
C VAL C 134 6.93 9.56 30.00
N PHE C 135 6.22 8.60 29.42
CA PHE C 135 6.63 7.21 29.41
C PHE C 135 6.43 6.66 28.01
N TYR C 136 7.43 5.87 27.61
CA TYR C 136 7.44 5.14 26.33
C TYR C 136 7.18 3.68 26.57
N PRO C 137 5.96 3.22 26.25
CA PRO C 137 5.67 1.80 26.53
C PRO C 137 6.21 0.84 25.46
N GLY C 138 6.74 1.40 24.37
CA GLY C 138 7.10 0.61 23.21
C GLY C 138 6.19 0.93 22.03
N PRO C 139 6.53 0.41 20.86
CA PRO C 139 5.72 0.68 19.66
C PRO C 139 4.31 0.14 19.78
N GLY C 140 3.38 0.81 19.11
CA GLY C 140 2.00 0.34 19.07
C GLY C 140 1.26 0.97 17.93
N HIS C 141 0.48 1.96 18.26
CA HIS C 141 -0.21 2.78 17.25
C HIS C 141 0.76 3.38 16.26
N THR C 142 1.88 3.89 16.78
CA THR C 142 3.03 4.27 15.97
C THR C 142 4.32 3.82 16.66
N PRO C 143 5.49 3.97 15.99
CA PRO C 143 6.72 3.54 16.62
C PRO C 143 7.09 4.42 17.79
N ASP C 144 6.61 5.64 17.75
CA ASP C 144 7.05 6.69 18.64
C ASP C 144 6.07 7.07 19.76
N ASN C 145 4.94 6.39 19.86
CA ASN C 145 3.92 6.82 20.79
C ASN C 145 4.39 6.84 22.24
N VAL C 146 4.10 7.91 22.96
CA VAL C 146 4.32 7.99 24.39
C VAL C 146 3.04 8.38 25.11
N VAL C 147 3.02 8.11 26.41
CA VAL C 147 1.91 8.52 27.27
C VAL C 147 2.39 9.53 28.30
N VAL C 148 1.44 10.21 28.91
CA VAL C 148 1.76 11.27 29.84
C VAL C 148 1.00 10.99 31.12
N TRP C 149 1.72 11.00 32.24
CA TRP C 149 1.19 10.65 33.56
C TRP C 149 1.26 11.86 34.47
N LEU C 150 0.19 12.09 35.20
CA LEU C 150 0.12 13.21 36.14
C LEU C 150 0.02 12.62 37.55
N PRO C 151 1.18 12.48 38.25
CA PRO C 151 1.14 11.66 39.48
C PRO C 151 0.33 12.25 40.61
N GLU C 152 0.12 13.55 40.63
CA GLU C 152 -0.66 14.14 41.71
C GLU C 152 -2.13 13.90 41.53
N ARG C 153 -2.57 13.62 40.31
CA ARG C 153 -4.00 13.35 40.09
C ARG C 153 -4.29 11.90 39.69
N LYS C 154 -3.24 11.12 39.50
CA LYS C 154 -3.34 9.76 38.97
C LYS C 154 -4.15 9.73 37.67
N ILE C 155 -3.79 10.67 36.78
CA ILE C 155 -4.37 10.75 35.47
C ILE C 155 -3.36 10.34 34.41
N LEU C 156 -3.77 9.39 33.56
CA LEU C 156 -2.93 8.97 32.42
C LEU C 156 -3.53 9.43 31.13
N PHE C 157 -2.81 10.26 30.37
CA PHE C 157 -3.19 10.55 28.99
C PHE C 157 -2.54 9.50 28.12
N GLY C 158 -3.38 8.71 27.46
CA GLY C 158 -2.89 7.58 26.72
C GLY C 158 -2.69 7.91 25.27
N GLY C 159 -3.21 9.04 24.83
CA GLY C 159 -3.13 9.40 23.44
C GLY C 159 -3.77 8.36 22.52
N CYS C 160 -3.12 8.15 21.39
CA CYS C 160 -3.66 7.30 20.35
C CYS C 160 -3.21 5.85 20.55
N PHE C 161 -2.42 5.62 21.61
CA PHE C 161 -2.04 4.23 22.01
C PHE C 161 -3.21 3.52 22.70
N ILE C 162 -4.01 4.28 23.46
CA ILE C 162 -5.13 3.68 24.18
C ILE C 162 -6.32 3.56 23.22
N LYS C 163 -6.66 2.32 22.94
CA LYS C 163 -7.68 1.95 21.94
C LYS C 163 -8.53 0.82 22.55
N PRO C 164 -9.52 1.18 23.35
CA PRO C 164 -10.26 0.15 24.10
C PRO C 164 -11.32 -0.57 23.30
N TYR C 165 -11.71 0.01 22.17
CA TYR C 165 -12.71 -0.64 21.33
C TYR C 165 -12.34 -0.56 19.87
N GLY C 166 -11.17 -1.03 19.50
CA GLY C 166 -10.78 -1.07 18.10
C GLY C 166 -9.50 -0.26 17.93
N LEU C 167 -8.52 -0.85 17.29
CA LEU C 167 -7.18 -0.22 17.15
C LEU C 167 -7.14 0.92 16.16
N GLY C 168 -8.17 1.02 15.32
CA GLY C 168 -8.21 2.07 14.31
C GLY C 168 -7.22 1.79 13.17
N ASN C 169 -6.81 2.85 12.52
CA ASN C 169 -6.01 2.78 11.30
C ASN C 169 -4.60 2.27 11.66
N LEU C 170 -4.20 1.14 11.11
CA LEU C 170 -2.92 0.54 11.39
C LEU C 170 -1.84 0.95 10.39
N GLY C 171 -2.07 2.03 9.64
CA GLY C 171 -1.12 2.47 8.61
C GLY C 171 0.33 2.62 9.08
N ASP C 172 0.53 3.20 10.24
CA ASP C 172 1.90 3.39 10.75
C ASP C 172 2.18 2.54 12.02
N ALA C 173 1.30 1.59 12.30
CA ALA C 173 1.32 0.82 13.56
C ALA C 173 2.35 -0.31 13.50
N ASN C 174 2.73 -0.76 14.68
CA ASN C 174 3.52 -1.99 14.83
C ASN C 174 2.66 -2.97 15.64
N ILE C 175 1.89 -3.76 14.88
CA ILE C 175 0.89 -4.63 15.46
C ILE C 175 1.54 -5.82 16.18
N GLU C 176 2.77 -6.17 15.78
CA GLU C 176 3.50 -7.27 16.45
C GLU C 176 3.94 -6.86 17.85
N ALA C 177 4.33 -5.59 18.01
CA ALA C 177 4.82 -5.06 19.27
C ALA C 177 3.70 -4.61 20.22
N TRP C 178 2.55 -4.23 19.67
CA TRP C 178 1.55 -3.53 20.48
C TRP C 178 1.07 -4.34 21.72
N PRO C 179 0.87 -5.68 21.60
CA PRO C 179 0.47 -6.40 22.81
C PRO C 179 1.49 -6.35 23.94
N LYS C 180 2.75 -6.55 23.61
CA LYS C 180 3.84 -6.42 24.58
C LYS C 180 3.91 -4.98 25.18
N SER C 181 3.79 -3.96 24.34
CA SER C 181 3.76 -2.59 24.87
C SER C 181 2.55 -2.35 25.79
N ALA C 182 1.40 -2.86 25.39
CA ALA C 182 0.16 -2.64 26.10
C ALA C 182 0.20 -3.34 27.42
N LYS C 183 0.83 -4.51 27.42
CA LYS C 183 0.99 -5.26 28.68
C LYS C 183 1.88 -4.49 29.67
N LEU C 184 2.96 -3.89 29.15
CA LEU C 184 3.85 -3.10 29.98
C LEU C 184 3.15 -1.84 30.55
N LEU C 185 2.39 -1.15 29.71
CA LEU C 185 1.64 0.01 30.16
C LEU C 185 0.67 -0.35 31.28
N LYS C 186 -0.08 -1.44 31.07
CA LYS C 186 -1.08 -1.89 32.06
C LYS C 186 -0.42 -2.22 33.40
N SER C 187 0.74 -2.85 33.33
CA SER C 187 1.38 -3.23 34.58
C SER C 187 1.98 -2.00 35.28
N LYS C 188 2.30 -0.94 34.55
CA LYS C 188 2.83 0.28 35.16
C LYS C 188 1.77 1.21 35.76
N TYR C 189 0.61 1.30 35.13
CA TYR C 189 -0.38 2.28 35.51
C TYR C 189 -1.70 1.67 35.93
N GLY C 190 -1.64 0.43 36.38
CA GLY C 190 -2.85 -0.23 36.87
C GLY C 190 -3.63 0.56 37.91
N LYS C 191 -2.97 1.48 38.62
CA LYS C 191 -3.65 2.24 39.65
C LYS C 191 -4.08 3.65 39.24
N ALA C 192 -4.07 3.95 37.96
CA ALA C 192 -4.61 5.24 37.48
C ALA C 192 -6.07 5.42 37.91
N LYS C 193 -6.48 6.65 38.22
CA LYS C 193 -7.85 6.98 38.52
C LYS C 193 -8.63 7.26 37.21
N LEU C 194 -7.99 7.97 36.29
CA LEU C 194 -8.58 8.31 34.99
C LEU C 194 -7.56 7.96 33.90
N VAL C 195 -8.06 7.39 32.81
CA VAL C 195 -7.30 7.22 31.56
C VAL C 195 -8.04 7.95 30.43
N VAL C 196 -7.31 8.88 29.78
CA VAL C 196 -7.84 9.73 28.72
C VAL C 196 -7.26 9.27 27.36
N PRO C 197 -8.09 8.68 26.50
CA PRO C 197 -7.68 8.36 25.16
C PRO C 197 -7.79 9.57 24.22
N SER C 198 -7.13 9.47 23.10
CA SER C 198 -7.25 10.50 22.08
C SER C 198 -8.65 10.52 21.47
N HIS C 199 -9.24 9.35 21.20
CA HIS C 199 -10.37 9.32 20.24
C HIS C 199 -11.64 8.68 20.81
N SER C 200 -11.69 8.52 22.11
CA SER C 200 -12.92 8.04 22.79
C SER C 200 -12.94 8.64 24.17
N GLU C 201 -14.03 8.43 24.90
CA GLU C 201 -14.24 9.12 26.16
C GLU C 201 -13.33 8.63 27.30
N VAL C 202 -13.16 9.49 28.28
CA VAL C 202 -12.40 9.19 29.48
C VAL C 202 -12.99 7.99 30.20
N GLY C 203 -12.11 7.15 30.74
CA GLY C 203 -12.54 6.01 31.56
C GLY C 203 -11.62 5.80 32.74
N ASP C 204 -11.65 4.61 33.36
CA ASP C 204 -10.71 4.32 34.43
C ASP C 204 -9.63 3.36 33.92
N ALA C 205 -8.91 2.71 34.85
CA ALA C 205 -7.80 1.86 34.47
C ALA C 205 -8.24 0.66 33.65
N SER C 206 -9.54 0.34 33.62
CA SER C 206 -10.01 -0.73 32.76
C SER C 206 -9.69 -0.49 31.26
N LEU C 207 -9.48 0.76 30.85
CA LEU C 207 -9.14 0.99 29.45
C LEU C 207 -7.77 0.38 29.08
N LEU C 208 -6.90 0.18 30.06
CA LEU C 208 -5.58 -0.45 29.83
C LEU C 208 -5.75 -1.93 29.52
N LYS C 209 -6.65 -2.57 30.26
CA LYS C 209 -7.01 -3.95 30.03
C LYS C 209 -7.63 -4.11 28.66
N LEU C 210 -8.63 -3.26 28.37
CA LEU C 210 -9.28 -3.27 27.06
C LEU C 210 -8.30 -3.05 25.89
N THR C 211 -7.36 -2.13 26.06
CA THR C 211 -6.37 -1.89 25.01
C THR C 211 -5.51 -3.11 24.75
N LEU C 212 -5.07 -3.80 25.82
CA LEU C 212 -4.28 -5.04 25.68
C LEU C 212 -5.09 -6.12 24.91
N GLU C 213 -6.34 -6.26 25.29
CA GLU C 213 -7.22 -7.20 24.62
C GLU C 213 -7.37 -6.87 23.13
N GLN C 214 -7.54 -5.59 22.81
CA GLN C 214 -7.65 -5.21 21.40
C GLN C 214 -6.34 -5.40 20.62
N ALA C 215 -5.20 -5.10 21.25
CA ALA C 215 -3.89 -5.35 20.63
C ALA C 215 -3.73 -6.84 20.30
N VAL C 216 -4.03 -7.68 21.28
CA VAL C 216 -3.97 -9.15 21.07
C VAL C 216 -4.91 -9.59 19.97
N LYS C 217 -6.13 -9.04 19.98
CA LYS C 217 -7.12 -9.42 18.99
C LYS C 217 -6.74 -8.91 17.59
N GLY C 218 -6.21 -7.69 17.49
CA GLY C 218 -5.73 -7.19 16.22
C GLY C 218 -4.59 -8.05 15.67
N LEU C 219 -3.68 -8.45 16.55
CA LEU C 219 -2.53 -9.23 16.09
C LEU C 219 -3.05 -10.57 15.56
N ASN C 220 -3.99 -11.16 16.30
CA ASN C 220 -4.63 -12.42 15.92
C ASN C 220 -5.34 -12.36 14.58
N GLU C 221 -6.11 -11.30 14.36
CA GLU C 221 -6.81 -11.10 13.10
C GLU C 221 -5.86 -11.01 11.92
N SER C 222 -4.73 -10.36 12.11
CA SER C 222 -3.73 -10.25 11.04
C SER C 222 -3.20 -11.63 10.58
N LYS C 223 -3.36 -12.65 11.42
CA LYS C 223 -2.78 -13.95 11.09
C LYS C 223 -3.81 -14.93 10.60
N LYS C 224 -5.08 -14.56 10.63
CA LYS C 224 -6.17 -15.36 10.06
C LYS C 224 -6.00 -15.40 8.52
N PRO C 225 -6.57 -16.41 7.87
CA PRO C 225 -6.54 -16.44 6.39
C PRO C 225 -7.56 -15.45 5.78
N SER C 226 -7.32 -14.92 4.59
CA SER C 226 -8.24 -13.93 3.98
C SER C 226 -9.72 -14.38 3.96
N LEU D 6 18.47 -8.64 14.47
CA LEU D 6 19.23 -8.87 13.20
C LEU D 6 18.84 -10.22 12.58
N PRO D 7 18.37 -10.19 11.33
CA PRO D 7 18.17 -11.43 10.56
C PRO D 7 19.43 -12.32 10.50
N ASP D 8 19.24 -13.63 10.27
CA ASP D 8 20.36 -14.53 10.11
C ASP D 8 21.08 -14.29 8.75
N LEU D 9 22.36 -14.67 8.71
CA LEU D 9 23.13 -14.79 7.48
C LEU D 9 22.37 -15.54 6.39
N LYS D 10 22.25 -14.96 5.20
CA LYS D 10 21.64 -15.69 4.08
C LYS D 10 22.67 -16.11 3.05
N ILE D 11 22.46 -17.30 2.49
CA ILE D 11 23.27 -17.76 1.38
C ILE D 11 22.34 -18.21 0.26
N GLU D 12 22.51 -17.65 -0.94
CA GLU D 12 21.60 -17.95 -2.06
C GLU D 12 22.40 -18.14 -3.35
N LYS D 13 22.05 -19.18 -4.12
CA LYS D 13 22.71 -19.44 -5.40
C LYS D 13 22.32 -18.40 -6.44
N LEU D 14 23.31 -17.87 -7.15
CA LEU D 14 23.10 -16.88 -8.19
C LEU D 14 23.38 -17.47 -9.56
N ASP D 15 24.33 -18.39 -9.66
CA ASP D 15 24.71 -18.98 -10.94
C ASP D 15 25.51 -20.22 -10.60
N GLU D 16 25.82 -21.03 -11.61
CA GLU D 16 26.70 -22.19 -11.41
C GLU D 16 27.95 -21.71 -10.68
N GLY D 17 28.11 -22.14 -9.43
CA GLY D 17 29.32 -21.88 -8.64
C GLY D 17 29.48 -20.44 -8.18
N VAL D 18 28.36 -19.73 -8.07
CA VAL D 18 28.35 -18.36 -7.56
C VAL D 18 27.16 -18.18 -6.61
N TYR D 19 27.48 -18.03 -5.33
CA TYR D 19 26.49 -17.74 -4.30
C TYR D 19 26.65 -16.30 -3.76
N VAL D 20 25.53 -15.69 -3.37
CA VAL D 20 25.52 -14.40 -2.67
C VAL D 20 25.31 -14.66 -1.19
N HIS D 21 26.22 -14.18 -0.34
CA HIS D 21 25.98 -14.18 1.11
C HIS D 21 25.52 -12.80 1.61
N THR D 22 24.55 -12.75 2.53
CA THR D 22 24.03 -11.47 3.01
C THR D 22 24.02 -11.43 4.54
N SER D 23 24.69 -10.42 5.11
CA SER D 23 24.67 -10.25 6.56
C SER D 23 24.09 -8.87 6.89
N PHE D 24 23.73 -8.70 8.15
CA PHE D 24 23.02 -7.51 8.58
C PHE D 24 23.67 -6.87 9.82
N GLU D 25 23.55 -5.55 9.89
CA GLU D 25 24.08 -4.75 10.98
C GLU D 25 23.22 -3.50 11.14
N GLU D 26 22.95 -3.10 12.38
CA GLU D 26 22.48 -1.73 12.62
C GLU D 26 23.66 -0.78 12.45
N VAL D 27 23.45 0.30 11.69
CA VAL D 27 24.42 1.38 11.55
C VAL D 27 23.70 2.73 11.78
N ASN D 28 24.41 3.68 12.37
CA ASN D 28 23.88 5.03 12.65
C ASN D 28 23.35 5.74 11.41
N GLY D 29 22.12 6.23 11.50
CA GLY D 29 21.56 7.15 10.49
C GLY D 29 20.93 6.44 9.31
N TRP D 30 20.82 5.11 9.42
CA TRP D 30 20.29 4.26 8.34
C TRP D 30 19.39 3.12 8.84
N GLY D 31 19.56 2.68 10.09
CA GLY D 31 18.78 1.54 10.61
C GLY D 31 19.49 0.22 10.37
N VAL D 32 18.71 -0.81 10.01
CA VAL D 32 19.25 -2.15 9.73
C VAL D 32 19.60 -2.35 8.25
N VAL D 33 20.86 -2.67 8.00
CA VAL D 33 21.48 -2.56 6.67
C VAL D 33 21.90 -3.97 6.23
N PRO D 34 21.44 -4.41 5.03
CA PRO D 34 22.03 -5.61 4.46
C PRO D 34 23.38 -5.33 3.81
N LYS D 35 24.26 -6.33 3.85
CA LYS D 35 25.54 -6.35 3.09
C LYS D 35 25.66 -7.66 2.30
N HIS D 36 25.72 -7.54 0.97
CA HIS D 36 25.98 -8.68 0.09
C HIS D 36 27.48 -8.84 -0.23
N GLY D 37 27.96 -10.07 -0.14
CA GLY D 37 29.17 -10.50 -0.83
C GLY D 37 28.93 -11.77 -1.61
N LEU D 38 29.99 -12.39 -2.11
CA LEU D 38 29.88 -13.65 -2.84
C LEU D 38 30.77 -14.76 -2.28
N VAL D 39 30.37 -16.01 -2.55
CA VAL D 39 31.26 -17.14 -2.53
C VAL D 39 31.34 -17.72 -3.95
N VAL D 40 32.55 -17.85 -4.46
CA VAL D 40 32.78 -18.39 -5.80
C VAL D 40 33.46 -19.77 -5.71
N LEU D 41 32.89 -20.76 -6.39
CA LEU D 41 33.44 -22.12 -6.42
C LEU D 41 34.30 -22.38 -7.67
N VAL D 42 35.52 -22.85 -7.46
CA VAL D 42 36.40 -23.27 -8.54
C VAL D 42 36.98 -24.63 -8.18
N ASN D 43 36.62 -25.64 -8.98
CA ASN D 43 36.58 -27.03 -8.55
C ASN D 43 35.68 -27.18 -7.33
N ALA D 44 36.15 -27.90 -6.33
CA ALA D 44 35.45 -27.98 -5.06
C ALA D 44 36.11 -27.07 -4.03
N GLU D 45 36.59 -25.91 -4.47
CA GLU D 45 37.23 -24.95 -3.58
C GLU D 45 36.52 -23.60 -3.62
N ALA D 46 36.35 -23.00 -2.45
CA ALA D 46 35.54 -21.78 -2.31
C ALA D 46 36.41 -20.56 -2.01
N TYR D 47 36.05 -19.45 -2.65
CA TYR D 47 36.66 -18.14 -2.44
C TYR D 47 35.58 -17.12 -1.98
N LEU D 48 35.78 -16.52 -0.81
CA LEU D 48 34.90 -15.47 -0.29
C LEU D 48 35.25 -14.15 -0.96
N ILE D 49 34.25 -13.54 -1.60
CA ILE D 49 34.36 -12.16 -2.04
C ILE D 49 33.62 -11.27 -0.99
N ASP D 50 34.46 -10.57 -0.22
CA ASP D 50 34.13 -9.85 1.01
C ASP D 50 33.77 -10.81 2.12
N THR D 51 34.19 -10.47 3.33
CA THR D 51 33.63 -11.11 4.52
C THR D 51 32.34 -10.43 4.97
N PRO D 52 31.54 -11.15 5.76
CA PRO D 52 30.47 -10.55 6.52
C PRO D 52 30.99 -9.51 7.51
N PHE D 53 30.07 -8.67 8.01
CA PHE D 53 30.36 -7.69 9.04
C PHE D 53 31.24 -8.27 10.15
N THR D 54 30.91 -9.48 10.59
CA THR D 54 31.43 -10.04 11.86
C THR D 54 32.18 -11.34 11.66
N ALA D 55 32.93 -11.69 12.70
CA ALA D 55 33.62 -12.96 12.76
C ALA D 55 32.64 -14.12 12.92
N LYS D 56 31.56 -13.90 13.68
CA LYS D 56 30.55 -14.96 13.86
C LYS D 56 29.95 -15.42 12.51
N ASP D 57 29.60 -14.42 11.68
CA ASP D 57 28.97 -14.72 10.40
C ASP D 57 29.98 -15.23 9.39
N THR D 58 31.22 -14.80 9.55
CA THR D 58 32.28 -15.36 8.72
C THR D 58 32.46 -16.85 9.01
N GLU D 59 32.42 -17.19 10.30
CA GLU D 59 32.54 -18.58 10.71
C GLU D 59 31.37 -19.41 10.18
N LYS D 60 30.16 -18.86 10.32
CA LYS D 60 28.95 -19.53 9.86
C LYS D 60 29.02 -19.74 8.35
N LEU D 61 29.50 -18.73 7.64
CA LEU D 61 29.56 -18.79 6.19
C LEU D 61 30.55 -19.86 5.76
N VAL D 62 31.71 -19.87 6.40
CA VAL D 62 32.76 -20.82 6.08
C VAL D 62 32.32 -22.25 6.39
N THR D 63 31.75 -22.42 7.57
CA THR D 63 31.22 -23.72 8.00
C THR D 63 30.18 -24.30 7.04
N TRP D 64 29.24 -23.46 6.60
CA TRP D 64 28.23 -23.90 5.65
C TRP D 64 28.85 -24.57 4.41
N PHE D 65 29.98 -24.05 3.96
CA PHE D 65 30.63 -24.56 2.75
C PHE D 65 31.56 -25.74 3.01
N VAL D 66 32.24 -25.73 4.16
CA VAL D 66 33.15 -26.82 4.52
C VAL D 66 32.35 -28.07 4.82
N GLU D 67 31.18 -27.91 5.42
CA GLU D 67 30.32 -29.05 5.71
C GLU D 67 29.55 -29.56 4.48
N ARG D 68 29.73 -28.92 3.33
CA ARG D 68 29.20 -29.44 2.07
C ARG D 68 30.34 -29.82 1.11
N GLY D 69 31.53 -30.01 1.64
CA GLY D 69 32.61 -30.61 0.87
C GLY D 69 33.59 -29.63 0.24
N TYR D 70 33.44 -28.34 0.55
CA TYR D 70 34.30 -27.29 -0.03
C TYR D 70 35.39 -26.81 0.94
N LYS D 71 36.64 -26.86 0.48
CA LYS D 71 37.78 -26.25 1.17
C LYS D 71 37.87 -24.73 0.86
N ILE D 72 38.04 -23.90 1.89
CA ILE D 72 38.08 -22.46 1.70
C ILE D 72 39.49 -22.04 1.28
N LYS D 73 39.66 -21.64 0.02
CA LYS D 73 40.97 -21.27 -0.50
C LYS D 73 41.43 -19.90 -0.07
N GLY D 74 40.49 -18.99 0.15
CA GLY D 74 40.80 -17.65 0.61
C GLY D 74 39.64 -16.67 0.52
N SER D 75 39.88 -15.47 1.05
CA SER D 75 38.92 -14.37 0.98
C SER D 75 39.62 -13.22 0.30
N ILE D 76 38.86 -12.40 -0.42
CA ILE D 76 39.33 -11.11 -0.88
C ILE D 76 38.39 -10.01 -0.40
N SER D 77 38.94 -8.90 0.09
CA SER D 77 38.12 -7.79 0.57
C SER D 77 38.16 -6.64 -0.42
N SER D 78 36.97 -6.10 -0.75
CA SER D 78 36.84 -5.13 -1.82
C SER D 78 37.25 -3.73 -1.38
N HIS D 79 37.17 -3.45 -0.08
CA HIS D 79 37.67 -2.18 0.44
C HIS D 79 37.82 -2.28 1.94
N PHE D 80 38.27 -1.21 2.60
CA PHE D 80 38.75 -1.32 3.99
C PHE D 80 37.66 -1.32 5.08
N HIS D 81 36.47 -0.78 4.77
CA HIS D 81 35.38 -0.70 5.75
C HIS D 81 35.05 -2.11 6.27
N SER D 82 34.58 -2.18 7.51
CA SER D 82 34.46 -3.47 8.20
C SER D 82 33.32 -4.33 7.65
N ASP D 83 32.46 -3.77 6.80
CA ASP D 83 31.46 -4.61 6.07
C ASP D 83 32.09 -5.50 4.97
N SER D 84 33.35 -5.22 4.63
CA SER D 84 34.13 -6.07 3.68
C SER D 84 35.25 -6.84 4.38
N THR D 85 35.66 -6.38 5.58
CA THR D 85 36.91 -6.84 6.22
C THR D 85 36.74 -7.43 7.64
N GLY D 86 35.52 -7.33 8.18
CA GLY D 86 35.25 -7.80 9.52
C GLY D 86 35.74 -9.19 9.86
N GLY D 87 35.76 -10.10 8.88
CA GLY D 87 36.12 -11.51 9.13
C GLY D 87 37.60 -11.84 8.92
N ILE D 88 38.40 -10.83 8.57
CA ILE D 88 39.81 -11.08 8.20
C ILE D 88 40.56 -11.69 9.39
N GLU D 89 40.34 -11.14 10.59
CA GLU D 89 41.09 -11.61 11.73
C GLU D 89 40.76 -13.09 11.98
N TRP D 90 39.47 -13.39 12.05
CA TRP D 90 39.06 -14.77 12.24
C TRP D 90 39.65 -15.72 11.18
N LEU D 91 39.59 -15.31 9.90
CA LEU D 91 40.15 -16.13 8.83
C LEU D 91 41.66 -16.34 8.97
N ASN D 92 42.40 -15.26 9.24
CA ASN D 92 43.84 -15.37 9.54
C ASN D 92 44.11 -16.38 10.64
N SER D 93 43.28 -16.38 11.68
CA SER D 93 43.51 -17.28 12.82
C SER D 93 43.30 -18.74 12.44
N ARG D 94 42.51 -18.99 11.40
CA ARG D 94 42.32 -20.36 10.89
C ARG D 94 43.27 -20.70 9.74
N SER D 95 44.26 -19.84 9.48
CA SER D 95 45.23 -20.03 8.40
C SER D 95 44.57 -20.16 7.02
N ILE D 96 43.42 -19.51 6.84
CA ILE D 96 42.87 -19.30 5.50
C ILE D 96 43.43 -18.00 4.93
N PRO D 97 44.03 -18.04 3.72
CA PRO D 97 44.59 -16.83 3.10
C PRO D 97 43.59 -15.70 2.93
N THR D 98 44.05 -14.49 3.23
CA THR D 98 43.22 -13.31 3.08
C THR D 98 43.94 -12.34 2.17
N TYR D 99 43.16 -11.70 1.30
CA TYR D 99 43.70 -10.82 0.29
C TYR D 99 43.04 -9.47 0.41
N ALA D 100 43.81 -8.44 0.07
CA ALA D 100 43.30 -7.07 -0.01
C ALA D 100 44.31 -6.26 -0.80
N SER D 101 43.89 -5.14 -1.38
CA SER D 101 44.84 -4.32 -2.09
C SER D 101 45.90 -3.77 -1.10
N GLU D 102 47.04 -3.37 -1.64
CA GLU D 102 48.06 -2.67 -0.85
C GLU D 102 47.46 -1.45 -0.12
N LEU D 103 46.66 -0.64 -0.82
CA LEU D 103 46.02 0.52 -0.22
C LEU D 103 44.98 0.15 0.82
N THR D 104 44.17 -0.87 0.57
CA THR D 104 43.27 -1.36 1.61
C THR D 104 44.02 -1.74 2.88
N ASN D 105 45.07 -2.54 2.79
CA ASN D 105 45.83 -2.89 3.99
C ASN D 105 46.42 -1.64 4.68
N GLU D 106 46.92 -0.68 3.88
CA GLU D 106 47.41 0.60 4.42
C GLU D 106 46.30 1.33 5.23
N LEU D 107 45.10 1.41 4.69
CA LEU D 107 43.99 2.06 5.40
C LEU D 107 43.55 1.26 6.64
N LEU D 108 43.59 -0.08 6.56
CA LEU D 108 43.27 -0.88 7.73
C LEU D 108 44.28 -0.61 8.85
N LYS D 109 45.56 -0.54 8.48
CA LYS D 109 46.63 -0.29 9.44
C LYS D 109 46.48 1.07 10.17
N LYS D 110 46.25 2.13 9.41
CA LYS D 110 46.04 3.47 9.96
C LYS D 110 44.82 3.51 10.89
N ASP D 111 43.80 2.74 10.56
CA ASP D 111 42.58 2.68 11.36
C ASP D 111 42.76 1.74 12.57
N GLY D 112 43.91 1.08 12.64
CA GLY D 112 44.23 0.20 13.76
C GLY D 112 43.54 -1.14 13.65
N LYS D 113 43.28 -1.59 12.43
CA LYS D 113 42.60 -2.88 12.21
C LYS D 113 43.57 -3.90 11.63
N VAL D 114 43.16 -5.16 11.67
CA VAL D 114 43.99 -6.28 11.26
C VAL D 114 44.02 -6.38 9.72
N GLN D 115 45.19 -6.72 9.19
CA GLN D 115 45.45 -6.69 7.75
C GLN D 115 45.26 -8.07 7.11
N ALA D 116 44.95 -8.10 5.82
CA ALA D 116 45.07 -9.33 5.04
C ALA D 116 46.55 -9.75 4.91
N THR D 117 46.79 -11.06 4.80
CA THR D 117 48.14 -11.60 4.75
C THR D 117 48.71 -11.62 3.33
N ASN D 118 47.84 -11.35 2.35
CA ASN D 118 48.28 -11.22 0.95
C ASN D 118 47.82 -9.90 0.38
N SER D 119 48.73 -9.15 -0.24
CA SER D 119 48.35 -7.91 -0.81
C SER D 119 48.67 -7.84 -2.31
N PHE D 120 47.85 -7.11 -3.04
CA PHE D 120 48.08 -6.90 -4.47
C PHE D 120 48.09 -5.41 -4.71
N SER D 121 48.86 -5.01 -5.71
CA SER D 121 49.14 -3.61 -6.06
C SER D 121 48.65 -3.49 -7.50
N GLY D 122 48.59 -2.29 -8.03
CA GLY D 122 48.35 -2.15 -9.48
C GLY D 122 46.87 -2.21 -9.83
N VAL D 123 46.55 -2.12 -11.11
CA VAL D 123 45.16 -1.91 -11.53
C VAL D 123 44.42 -3.24 -11.66
N ASN D 124 45.14 -4.29 -12.04
CA ASN D 124 44.51 -5.59 -12.33
C ASN D 124 45.21 -6.67 -11.54
N TYR D 125 44.49 -7.68 -11.14
CA TYR D 125 45.08 -8.78 -10.44
C TYR D 125 44.19 -10.00 -10.63
N TRP D 126 44.77 -11.09 -11.12
CA TRP D 126 44.05 -12.35 -11.22
C TRP D 126 44.19 -13.09 -9.90
N LEU D 127 43.13 -13.19 -9.12
CA LEU D 127 43.11 -14.09 -7.98
C LEU D 127 43.11 -15.54 -8.47
N VAL D 128 42.34 -15.80 -9.53
CA VAL D 128 42.30 -17.10 -10.18
C VAL D 128 42.18 -16.87 -11.70
N LYS D 129 43.23 -17.17 -12.45
CA LYS D 129 43.24 -16.77 -13.87
C LYS D 129 42.03 -17.31 -14.66
N ASN D 130 41.41 -16.43 -15.44
CA ASN D 130 40.19 -16.72 -16.17
C ASN D 130 39.01 -17.17 -15.33
N LYS D 131 39.04 -16.89 -14.04
CA LYS D 131 37.89 -17.17 -13.16
C LYS D 131 37.54 -15.99 -12.24
N ILE D 132 38.53 -15.45 -11.54
CA ILE D 132 38.30 -14.39 -10.57
C ILE D 132 39.35 -13.29 -10.77
N GLU D 133 38.90 -12.14 -11.22
CA GLU D 133 39.78 -11.05 -11.60
C GLU D 133 39.36 -9.83 -10.77
N VAL D 134 40.36 -9.06 -10.33
CA VAL D 134 40.13 -7.88 -9.51
C VAL D 134 40.57 -6.68 -10.29
N PHE D 135 39.77 -5.63 -10.21
CA PHE D 135 40.03 -4.39 -10.97
C PHE D 135 39.85 -3.18 -10.06
N TYR D 136 40.75 -2.21 -10.21
CA TYR D 136 40.70 -0.93 -9.49
C TYR D 136 40.24 0.13 -10.48
N PRO D 137 39.00 0.63 -10.32
CA PRO D 137 38.50 1.64 -11.25
C PRO D 137 39.01 3.02 -10.90
N GLY D 138 39.58 3.16 -9.71
CA GLY D 138 39.96 4.45 -9.18
C GLY D 138 39.14 4.81 -7.96
N PRO D 139 39.43 5.97 -7.35
CA PRO D 139 38.73 6.36 -6.12
C PRO D 139 37.25 6.62 -6.33
N GLY D 140 36.43 6.28 -5.34
CA GLY D 140 35.01 6.64 -5.36
C GLY D 140 34.41 6.71 -3.97
N HIS D 141 33.65 5.68 -3.63
CA HIS D 141 33.17 5.45 -2.29
C HIS D 141 34.27 5.50 -1.23
N THR D 142 35.42 4.88 -1.53
CA THR D 142 36.64 5.07 -0.74
C THR D 142 37.83 5.17 -1.70
N PRO D 143 39.03 5.51 -1.17
CA PRO D 143 40.20 5.61 -2.05
C PRO D 143 40.57 4.27 -2.68
N ASP D 144 40.27 3.19 -1.95
CA ASP D 144 40.87 1.90 -2.21
C ASP D 144 39.90 0.94 -2.91
N ASN D 145 38.68 1.36 -3.17
CA ASN D 145 37.65 0.42 -3.59
C ASN D 145 37.99 -0.31 -4.90
N VAL D 146 37.86 -1.65 -4.85
CA VAL D 146 38.04 -2.49 -6.03
C VAL D 146 36.76 -3.30 -6.32
N VAL D 147 36.72 -3.84 -7.53
CA VAL D 147 35.62 -4.69 -7.98
C VAL D 147 36.18 -6.05 -8.40
N VAL D 148 35.28 -7.03 -8.43
CA VAL D 148 35.63 -8.40 -8.75
C VAL D 148 34.77 -8.92 -9.90
N TRP D 149 35.46 -9.40 -10.92
CA TRP D 149 34.85 -9.84 -12.17
C TRP D 149 35.03 -11.35 -12.39
N LEU D 150 33.92 -12.00 -12.71
CA LEU D 150 33.89 -13.43 -12.98
C LEU D 150 33.70 -13.69 -14.49
N PRO D 151 34.81 -13.84 -15.24
CA PRO D 151 34.67 -13.80 -16.70
C PRO D 151 33.86 -14.99 -17.24
N GLU D 152 33.94 -16.13 -16.59
CA GLU D 152 33.19 -17.29 -17.04
C GLU D 152 31.68 -17.08 -16.98
N ARG D 153 31.19 -16.27 -16.04
CA ARG D 153 29.74 -16.07 -15.85
C ARG D 153 29.28 -14.66 -16.18
N LYS D 154 30.20 -13.80 -16.61
CA LYS D 154 29.92 -12.39 -16.84
C LYS D 154 29.18 -11.70 -15.68
N ILE D 155 29.65 -11.93 -14.45
CA ILE D 155 29.09 -11.34 -13.23
C ILE D 155 30.13 -10.41 -12.59
N LEU D 156 29.74 -9.16 -12.34
CA LEU D 156 30.60 -8.18 -11.65
C LEU D 156 30.14 -7.98 -10.21
N PHE D 157 31.01 -8.23 -9.24
CA PHE D 157 30.77 -7.76 -7.87
C PHE D 157 31.34 -6.35 -7.68
N GLY D 158 30.42 -5.39 -7.54
CA GLY D 158 30.78 -3.99 -7.55
C GLY D 158 31.02 -3.45 -6.16
N GLY D 159 30.58 -4.18 -5.15
CA GLY D 159 30.82 -3.79 -3.76
C GLY D 159 30.16 -2.47 -3.43
N CYS D 160 30.84 -1.67 -2.63
CA CYS D 160 30.24 -0.44 -2.09
C CYS D 160 30.43 0.77 -3.02
N PHE D 161 31.10 0.54 -4.13
CA PHE D 161 31.24 1.51 -5.21
C PHE D 161 29.92 1.72 -5.93
N ILE D 162 29.14 0.65 -6.05
CA ILE D 162 27.95 0.68 -6.89
C ILE D 162 26.82 1.26 -6.07
N LYS D 163 26.35 2.43 -6.48
CA LYS D 163 25.44 3.26 -5.70
C LYS D 163 24.37 3.86 -6.61
N PRO D 164 23.37 3.06 -6.94
CA PRO D 164 22.38 3.47 -7.95
C PRO D 164 21.35 4.51 -7.47
N TYR D 165 21.13 4.63 -6.16
CA TYR D 165 20.05 5.52 -5.65
C TYR D 165 20.56 6.81 -4.98
N GLY D 166 21.86 6.87 -4.74
CA GLY D 166 22.44 7.94 -3.98
C GLY D 166 23.76 7.45 -3.43
N LEU D 167 24.68 8.36 -3.19
CA LEU D 167 26.05 7.96 -2.96
C LEU D 167 26.29 7.52 -1.55
N GLY D 168 25.32 7.80 -0.66
CA GLY D 168 25.46 7.42 0.75
C GLY D 168 26.51 8.26 1.46
N ASN D 169 27.05 7.71 2.54
CA ASN D 169 28.03 8.40 3.40
C ASN D 169 29.33 8.75 2.67
N LEU D 170 29.65 10.04 2.65
CA LEU D 170 30.80 10.54 1.88
C LEU D 170 32.03 10.77 2.76
N GLY D 171 31.99 10.32 4.01
CA GLY D 171 33.12 10.45 4.91
C GLY D 171 34.45 10.11 4.27
N ASP D 172 34.54 8.95 3.62
CA ASP D 172 35.80 8.46 3.11
C ASP D 172 35.83 8.58 1.59
N ALA D 173 34.83 9.25 1.03
CA ALA D 173 34.72 9.28 -0.42
C ALA D 173 35.58 10.37 -1.05
N ASN D 174 35.86 10.17 -2.32
CA ASN D 174 36.53 11.13 -3.17
C ASN D 174 35.54 11.54 -4.24
N ILE D 175 34.74 12.55 -3.93
CA ILE D 175 33.63 12.96 -4.76
C ILE D 175 34.11 13.51 -6.12
N GLU D 176 35.34 14.04 -6.15
CA GLU D 176 35.86 14.61 -7.38
C GLU D 176 36.31 13.54 -8.35
N ALA D 177 36.73 12.40 -7.83
CA ALA D 177 37.25 11.32 -8.69
C ALA D 177 36.15 10.34 -9.13
N TRP D 178 35.08 10.26 -8.35
CA TRP D 178 34.14 9.16 -8.51
C TRP D 178 33.55 9.10 -9.93
N PRO D 179 33.25 10.28 -10.54
CA PRO D 179 32.68 10.19 -11.89
C PRO D 179 33.62 9.60 -12.90
N LYS D 180 34.88 10.02 -12.89
CA LYS D 180 35.91 9.44 -13.76
C LYS D 180 36.04 7.92 -13.51
N SER D 181 36.01 7.52 -12.24
CA SER D 181 36.17 6.11 -11.87
C SER D 181 34.97 5.29 -12.35
N ALA D 182 33.78 5.86 -12.19
CA ALA D 182 32.56 5.22 -12.60
C ALA D 182 32.43 5.11 -14.14
N LYS D 183 32.91 6.11 -14.87
CA LYS D 183 32.95 6.05 -16.34
C LYS D 183 33.85 4.90 -16.78
N LEU D 184 35.00 4.82 -16.15
CA LEU D 184 35.98 3.80 -16.52
C LEU D 184 35.38 2.42 -16.25
N LEU D 185 34.75 2.25 -15.09
CA LEU D 185 34.08 0.97 -14.78
C LEU D 185 33.00 0.60 -15.79
N LYS D 186 32.20 1.61 -16.15
CA LYS D 186 31.11 1.41 -17.09
C LYS D 186 31.64 0.97 -18.46
N SER D 187 32.77 1.55 -18.89
CA SER D 187 33.34 1.23 -20.20
C SER D 187 33.95 -0.15 -20.23
N LYS D 188 34.47 -0.60 -19.09
CA LYS D 188 35.12 -1.90 -19.00
C LYS D 188 34.12 -3.05 -18.92
N TYR D 189 33.07 -2.89 -18.13
CA TYR D 189 32.18 -4.02 -17.83
C TYR D 189 30.74 -3.82 -18.37
N GLY D 190 30.58 -2.98 -19.40
CA GLY D 190 29.27 -2.71 -19.98
C GLY D 190 28.57 -3.97 -20.45
N LYS D 191 29.34 -5.03 -20.65
CA LYS D 191 28.86 -6.33 -21.14
C LYS D 191 28.41 -7.28 -20.02
N ALA D 192 28.55 -6.86 -18.76
CA ALA D 192 28.19 -7.71 -17.61
C ALA D 192 26.76 -8.24 -17.77
N LYS D 193 26.57 -9.52 -17.46
CA LYS D 193 25.24 -10.10 -17.35
C LYS D 193 24.56 -9.60 -16.05
N LEU D 194 25.30 -9.65 -14.95
CA LEU D 194 24.77 -9.29 -13.64
C LEU D 194 25.77 -8.39 -12.94
N VAL D 195 25.25 -7.40 -12.20
CA VAL D 195 26.05 -6.57 -11.29
C VAL D 195 25.49 -6.64 -9.87
N VAL D 196 26.36 -6.98 -8.93
CA VAL D 196 25.99 -7.21 -7.54
C VAL D 196 26.56 -6.11 -6.67
N PRO D 197 25.67 -5.26 -6.12
CA PRO D 197 26.14 -4.23 -5.20
C PRO D 197 26.22 -4.74 -3.80
N SER D 198 26.87 -3.99 -2.92
CA SER D 198 26.91 -4.35 -1.51
C SER D 198 25.59 -4.17 -0.81
N HIS D 199 24.86 -3.11 -1.13
CA HIS D 199 23.77 -2.67 -0.25
C HIS D 199 22.46 -2.48 -0.97
N SER D 200 22.36 -2.96 -2.19
CA SER D 200 21.07 -2.95 -2.87
C SER D 200 21.01 -4.19 -3.75
N GLU D 201 19.89 -4.41 -4.41
CA GLU D 201 19.66 -5.71 -4.99
C GLU D 201 20.49 -5.92 -6.26
N VAL D 202 20.70 -7.17 -6.64
CA VAL D 202 21.32 -7.52 -7.91
C VAL D 202 20.58 -6.90 -9.11
N GLY D 203 21.32 -6.40 -10.08
CA GLY D 203 20.76 -5.93 -11.33
C GLY D 203 21.63 -6.30 -12.52
N ASP D 204 21.41 -5.63 -13.64
CA ASP D 204 22.20 -5.83 -14.84
C ASP D 204 23.16 -4.66 -15.02
N ALA D 205 23.75 -4.54 -16.21
CA ALA D 205 24.77 -3.53 -16.45
C ALA D 205 24.24 -2.09 -16.29
N SER D 206 22.93 -1.92 -16.25
CA SER D 206 22.37 -0.59 -16.06
C SER D 206 22.77 0.02 -14.68
N LEU D 207 23.14 -0.83 -13.72
CA LEU D 207 23.62 -0.31 -12.43
C LEU D 207 24.91 0.50 -12.58
N LEU D 208 25.72 0.19 -13.62
CA LEU D 208 26.94 0.94 -13.87
C LEU D 208 26.61 2.33 -14.37
N LYS D 209 25.55 2.44 -15.18
CA LYS D 209 25.11 3.72 -15.70
C LYS D 209 24.49 4.57 -14.59
N LEU D 210 23.57 3.98 -13.82
CA LEU D 210 23.00 4.67 -12.65
C LEU D 210 24.09 5.17 -11.67
N THR D 211 25.09 4.34 -11.39
CA THR D 211 26.17 4.73 -10.52
C THR D 211 26.90 5.95 -11.05
N LEU D 212 27.24 5.94 -12.34
CA LEU D 212 27.86 7.11 -12.98
C LEU D 212 27.00 8.36 -12.78
N GLU D 213 25.71 8.23 -13.07
CA GLU D 213 24.79 9.34 -12.94
C GLU D 213 24.76 9.89 -11.51
N GLN D 214 24.79 9.01 -10.51
CA GLN D 214 24.75 9.47 -9.12
C GLN D 214 26.05 10.16 -8.72
N ALA D 215 27.17 9.68 -9.25
CA ALA D 215 28.46 10.28 -8.98
C ALA D 215 28.54 11.69 -9.56
N VAL D 216 28.10 11.86 -10.81
CA VAL D 216 28.09 13.18 -11.45
C VAL D 216 27.20 14.11 -10.64
N LYS D 217 26.02 13.63 -10.28
CA LYS D 217 25.08 14.47 -9.55
C LYS D 217 25.59 14.84 -8.16
N GLY D 218 26.18 13.88 -7.46
CA GLY D 218 26.84 14.17 -6.20
C GLY D 218 27.90 15.25 -6.32
N LEU D 219 28.74 15.13 -7.34
CA LEU D 219 29.82 16.07 -7.56
C LEU D 219 29.26 17.49 -7.81
N ASN D 220 28.25 17.58 -8.69
CA ASN D 220 27.55 18.85 -8.96
C ASN D 220 26.96 19.44 -7.68
N GLU D 221 26.23 18.62 -6.93
CA GLU D 221 25.63 19.03 -5.67
C GLU D 221 26.63 19.67 -4.70
N SER D 222 27.91 19.32 -4.77
CA SER D 222 28.83 19.80 -3.75
C SER D 222 29.43 21.20 -4.02
N LYS D 223 28.73 22.03 -4.81
CA LYS D 223 29.34 23.25 -5.38
C LYS D 223 28.48 24.51 -5.36
ZN ZN E . 4.51 -6.08 -2.56
ZN ZN F . 6.87 -3.74 -3.98
C02 QST G . 6.48 -4.27 -0.67
C03 QST G . 7.80 -4.52 0.17
C04 QST G . 7.51 -3.71 1.47
C06 QST G . 7.40 -1.36 2.18
C07 QST G . 6.98 -1.35 3.62
C10 QST G . 10.31 -5.35 -0.91
C11 QST G . 11.70 -5.04 -0.48
C12 QST G . 10.24 -5.84 -2.37
C13 QST G . 9.61 -6.29 0.05
C14 QST G . 9.93 -7.68 -0.65
N17 QST G . 8.23 -5.91 0.40
O05 QST G . 6.89 -2.47 1.42
O08 QST G . 7.85 -4.17 2.54
O15 QST G . 9.02 -8.14 -1.38
O16 QST G . 11.06 -8.14 -0.41
S01 QST G . 6.62 -5.05 -2.35
S09 QST G . 9.30 -3.81 -0.72
ZN ZN H . -34.39 -0.25 -18.88
ZN ZN I . -37.11 -0.66 -16.51
C02 QST J . -36.57 2.24 -18.08
C03 QST J . -37.79 2.83 -18.86
C04 QST J . -37.66 4.35 -18.71
C06 QST J . -37.15 6.32 -17.36
C07 QST J . -37.88 7.06 -16.28
C10 QST J . -40.15 1.43 -19.70
C11 QST J . -41.59 1.88 -19.85
C12 QST J . -40.05 -0.10 -19.63
C13 QST J . -39.20 2.03 -20.78
C14 QST J . -39.14 1.02 -22.03
N17 QST J . -37.88 2.42 -20.27
O05 QST J . -37.52 4.93 -17.47
O08 QST J . -37.85 5.05 -19.70
O15 QST J . -40.24 0.72 -22.54
O16 QST J . -37.99 0.72 -22.43
S01 QST J . -36.56 0.42 -18.36
S09 QST J . -39.43 2.23 -18.15
C1 EDO K . -16.44 -2.48 -20.74
O1 EDO K . -15.74 -2.49 -21.99
C2 EDO K . -17.10 -3.82 -20.57
O2 EDO K . -17.65 -4.23 -21.81
C1 EDO L . -32.23 -13.82 1.95
O1 EDO L . -33.20 -14.38 2.83
C2 EDO L . -31.02 -14.69 1.95
O2 EDO L . -31.38 -15.83 1.17
ZN ZN M . -1.95 8.75 15.34
ZN ZN N . -4.91 10.05 16.81
C02 QST O . -3.88 10.38 13.52
C03 QST O . -5.17 10.75 12.69
C04 QST O . -4.77 11.98 11.81
C06 QST O . -5.58 13.56 10.10
C07 QST O . -7.02 13.95 9.74
C10 QST O . -7.91 10.17 13.03
C11 QST O . -9.14 10.99 12.72
C12 QST O . -8.16 9.04 13.97
C13 QST O . -7.13 9.74 11.76
C14 QST O . -7.81 8.41 11.27
N17 QST O . -5.71 9.66 11.92
O05 QST O . -5.42 12.18 10.64
O08 QST O . -3.99 12.84 12.21
O15 QST O . -8.83 8.50 10.60
O16 QST O . -7.19 7.41 11.68
S01 QST O . -4.15 9.09 14.85
S09 QST O . -6.67 11.33 13.78
C1 EDO P . -1.72 19.32 37.64
O1 EDO P . -2.71 19.69 38.58
C2 EDO P . -0.46 19.06 38.44
O2 EDO P . -0.72 17.87 39.18
ZN ZN Q . 29.50 -1.06 2.34
ZN ZN R . 32.29 1.23 2.59
C02 QST S . 30.32 0.72 5.14
C03 QST S . 29.14 1.53 5.84
C04 QST S . 29.48 1.35 7.37
C06 QST S . 29.93 -0.10 9.29
C07 QST S . 30.36 -1.51 9.62
C10 QST S . 26.53 2.25 4.91
C11 QST S . 25.27 2.34 5.77
C12 QST S . 26.20 2.14 3.42
C13 QST S . 27.51 3.41 5.17
C14 QST S . 27.28 4.44 3.95
N17 QST S . 28.90 2.95 5.44
O05 QST S . 29.71 0.10 7.89
O08 QST S . 29.41 2.30 8.11
O15 QST S . 26.23 5.13 3.94
O16 QST S . 28.23 4.44 3.15
S01 QST S . 30.08 0.71 3.32
S09 QST S . 27.50 0.72 5.49
#